data_8SBF
#
_entry.id   8SBF
#
_cell.length_a   106.597
_cell.length_b   109.690
_cell.length_c   110.268
_cell.angle_alpha   90.000
_cell.angle_beta   90.000
_cell.angle_gamma   90.000
#
_symmetry.space_group_name_H-M   'P 21 21 21'
#
loop_
_entity.id
_entity.type
_entity.pdbx_description
1 polymer 'Putative transcriptional regulator (LysR family)'
2 non-polymer 'SODIUM ION'
3 non-polymer 'MAGNESIUM ION'
4 non-polymer GLYCEROL
5 water water
#
_entity_poly.entity_id   1
_entity_poly.type   'polypeptide(L)'
_entity_poly.pdbx_seq_one_letter_code
;MRMTLRQLAVFVAVAQEGTVTKASDAVRLTQSAASMALADLEDGLGAPLFDRLGKRLQLNDLGRFLLPQALEILGRCEAF
EQAAKGELQSIDLRLGATLTISDYLIPDLMADFLQIHPQAHLQLQVGNTRQMIEAVNQFQLDLALIEGSCHLPQLQCIHW
RNDELAVCCAPDHPLAKLGRPLTAQDFLNVEWILREEGSGTREVFDNAILQDVPDANIRLTLGHNEAILKIVAGGLGMSC
ISRLAIEPLIEKGQLVILETPFWELTRPLHLLVHRQKYQGPGLKAFMNFCENRVNHHHHH
;
_entity_poly.pdbx_strand_id   A,C,B,D
#
loop_
_chem_comp.id
_chem_comp.type
_chem_comp.name
_chem_comp.formula
GOL non-polymer GLYCEROL 'C3 H8 O3'
MG non-polymer 'MAGNESIUM ION' 'Mg 2'
NA non-polymer 'SODIUM ION' 'Na 1'
#
# COMPACT_ATOMS: atom_id res chain seq x y z
N MET A 1 27.80 5.73 -34.73
CA MET A 1 27.10 4.79 -33.80
C MET A 1 28.09 4.03 -32.93
N ARG A 2 28.06 4.30 -31.63
CA ARG A 2 28.91 3.57 -30.68
C ARG A 2 28.20 2.39 -30.05
N MET A 3 26.93 2.55 -29.68
CA MET A 3 26.24 1.53 -28.93
C MET A 3 26.11 0.25 -29.75
N THR A 4 25.92 -0.86 -29.04
CA THR A 4 25.78 -2.18 -29.64
C THR A 4 24.52 -2.84 -29.11
N LEU A 5 24.05 -3.85 -29.85
CA LEU A 5 22.89 -4.61 -29.40
C LEU A 5 23.18 -5.32 -28.09
N ARG A 6 24.42 -5.79 -27.91
CA ARG A 6 24.79 -6.41 -26.64
C ARG A 6 24.64 -5.43 -25.49
N GLN A 7 25.02 -4.17 -25.71
CA GLN A 7 24.89 -3.16 -24.66
C GLN A 7 23.41 -2.88 -24.36
N LEU A 8 22.58 -2.77 -25.39
CA LEU A 8 21.15 -2.58 -25.16
C LEU A 8 20.57 -3.74 -24.36
N ALA A 9 20.98 -4.97 -24.65
CA ALA A 9 20.47 -6.12 -23.91
C ALA A 9 20.87 -6.05 -22.44
N VAL A 10 22.09 -5.58 -22.16
CA VAL A 10 22.51 -5.42 -20.78
C VAL A 10 21.69 -4.31 -20.11
N PHE A 11 21.48 -3.21 -20.83
CA PHE A 11 20.63 -2.13 -20.32
C PHE A 11 19.23 -2.64 -19.99
N VAL A 12 18.69 -3.51 -20.85
CA VAL A 12 17.36 -4.09 -20.57
C VAL A 12 17.44 -5.03 -19.39
N ALA A 13 18.45 -5.89 -19.36
CA ALA A 13 18.55 -6.88 -18.28
C ALA A 13 18.68 -6.22 -16.93
N VAL A 14 19.48 -5.14 -16.84
CA VAL A 14 19.64 -4.45 -15.57
C VAL A 14 18.33 -3.82 -15.13
N ALA A 15 17.54 -3.32 -16.09
CA ALA A 15 16.25 -2.74 -15.74
C ALA A 15 15.27 -3.82 -15.29
N GLN A 16 15.40 -5.04 -15.78
CA GLN A 16 14.49 -6.11 -15.42
C GLN A 16 14.88 -6.76 -14.09
N GLU A 17 16.17 -6.88 -13.82
CA GLU A 17 16.65 -7.65 -12.68
C GLU A 17 17.08 -6.80 -11.49
N GLY A 18 17.52 -5.56 -11.72
CA GLY A 18 17.80 -4.62 -10.66
C GLY A 18 19.27 -4.52 -10.29
N THR A 19 20.10 -5.49 -10.66
CA THR A 19 21.52 -5.45 -10.36
C THR A 19 22.29 -5.95 -11.57
N VAL A 20 23.58 -5.59 -11.62
CA VAL A 20 24.45 -6.08 -12.69
C VAL A 20 24.65 -7.59 -12.55
N THR A 21 24.76 -8.08 -11.31
CA THR A 21 24.96 -9.51 -11.09
C THR A 21 23.78 -10.31 -11.66
N LYS A 22 22.56 -9.99 -11.22
CA LYS A 22 21.39 -10.70 -11.75
C LYS A 22 21.30 -10.52 -13.26
N ALA A 23 21.58 -9.31 -13.76
CA ALA A 23 21.49 -9.08 -15.19
C ALA A 23 22.55 -9.87 -15.95
N SER A 24 23.74 -10.04 -15.37
CA SER A 24 24.81 -10.73 -16.07
C SER A 24 24.46 -12.18 -16.32
N ASP A 25 23.80 -12.83 -15.35
CA ASP A 25 23.39 -14.22 -15.54
C ASP A 25 22.28 -14.34 -16.58
N ALA A 26 21.42 -13.33 -16.69
CA ALA A 26 20.29 -13.40 -17.61
C ALA A 26 20.72 -13.22 -19.07
N VAL A 27 21.84 -12.54 -19.30
CA VAL A 27 22.39 -12.41 -20.66
C VAL A 27 23.60 -13.30 -20.87
N ARG A 28 23.96 -14.13 -19.89
CA ARG A 28 25.03 -15.11 -20.03
C ARG A 28 26.36 -14.42 -20.28
N LEU A 29 26.67 -13.44 -19.43
CA LEU A 29 27.97 -12.78 -19.41
C LEU A 29 28.52 -12.83 -18.00
N THR A 30 29.85 -12.85 -17.89
CA THR A 30 30.47 -12.63 -16.59
C THR A 30 30.04 -11.28 -16.04
N GLN A 31 30.21 -11.11 -14.73
CA GLN A 31 29.74 -9.88 -14.10
C GLN A 31 30.50 -8.67 -14.59
N SER A 32 31.83 -8.78 -14.72
CA SER A 32 32.62 -7.65 -15.18
C SER A 32 32.51 -7.43 -16.68
N ALA A 33 32.16 -8.47 -17.45
CA ALA A 33 31.83 -8.26 -18.85
C ALA A 33 30.55 -7.45 -18.98
N ALA A 34 29.58 -7.70 -18.10
CA ALA A 34 28.33 -6.95 -18.15
C ALA A 34 28.53 -5.51 -17.67
N SER A 35 29.31 -5.31 -16.61
CA SER A 35 29.55 -3.96 -16.12
C SER A 35 30.35 -3.15 -17.13
N MET A 36 31.30 -3.79 -17.83
CA MET A 36 32.00 -3.10 -18.91
C MET A 36 31.02 -2.66 -20.00
N ALA A 37 30.08 -3.54 -20.35
CA ALA A 37 29.11 -3.20 -21.39
C ALA A 37 28.24 -2.03 -20.97
N LEU A 38 27.69 -2.07 -19.76
CA LEU A 38 26.85 -0.98 -19.29
C LEU A 38 27.63 0.33 -19.22
N ALA A 39 28.86 0.29 -18.71
CA ALA A 39 29.67 1.49 -18.64
C ALA A 39 29.96 2.05 -20.02
N ASP A 40 30.21 1.17 -20.99
CA ASP A 40 30.45 1.64 -22.36
C ASP A 40 29.21 2.32 -22.93
N LEU A 41 28.03 1.73 -22.73
CA LEU A 41 26.81 2.35 -23.19
C LEU A 41 26.64 3.74 -22.58
N GLU A 42 26.74 3.84 -21.26
CA GLU A 42 26.55 5.12 -20.60
C GLU A 42 27.60 6.13 -21.01
N ASP A 43 28.86 5.72 -21.07
CA ASP A 43 29.92 6.65 -21.49
CA ASP A 43 29.92 6.63 -21.48
C ASP A 43 29.72 7.10 -22.92
N GLY A 44 29.22 6.21 -23.79
CA GLY A 44 28.99 6.58 -25.17
C GLY A 44 27.82 7.53 -25.33
N LEU A 45 26.74 7.29 -24.57
CA LEU A 45 25.59 8.17 -24.62
C LEU A 45 25.84 9.50 -23.94
N GLY A 46 26.85 9.59 -23.08
CA GLY A 46 27.15 10.82 -22.38
C GLY A 46 26.30 11.09 -21.17
N ALA A 47 25.62 10.08 -20.64
CA ALA A 47 24.76 10.25 -19.48
C ALA A 47 24.49 8.89 -18.86
N PRO A 48 24.27 8.83 -17.54
CA PRO A 48 23.91 7.55 -16.92
C PRO A 48 22.45 7.19 -17.18
N LEU A 49 22.20 5.88 -17.18
CA LEU A 49 20.84 5.36 -17.40
C LEU A 49 20.16 4.94 -16.11
N PHE A 50 20.90 4.78 -15.02
CA PHE A 50 20.35 4.31 -13.76
C PHE A 50 20.81 5.21 -12.62
N ASP A 51 19.89 5.50 -11.70
CA ASP A 51 20.26 6.10 -10.43
C ASP A 51 20.78 5.00 -9.51
N ARG A 52 21.89 5.28 -8.84
CA ARG A 52 22.53 4.31 -7.96
C ARG A 52 21.95 4.46 -6.56
N LEU A 53 21.08 3.53 -6.18
CA LEU A 53 20.43 3.53 -4.87
C LEU A 53 21.28 2.80 -3.83
N GLY A 54 22.57 3.13 -3.78
CA GLY A 54 23.49 2.39 -2.94
C GLY A 54 23.75 1.02 -3.51
N LYS A 55 22.74 0.14 -3.46
CA LYS A 55 22.86 -1.21 -4.00
C LYS A 55 22.14 -1.35 -5.34
N ARG A 56 20.81 -1.20 -5.35
CA ARG A 56 20.06 -1.44 -6.58
C ARG A 56 20.27 -0.30 -7.58
N LEU A 57 20.18 -0.66 -8.86
CA LEU A 57 20.12 0.30 -9.94
C LEU A 57 18.67 0.47 -10.36
N GLN A 58 18.19 1.70 -10.33
CA GLN A 58 16.82 2.04 -10.72
C GLN A 58 16.87 3.01 -11.89
N LEU A 59 16.04 2.75 -12.90
CA LEU A 59 16.01 3.61 -14.07
C LEU A 59 15.82 5.07 -13.66
N ASN A 60 16.63 5.95 -14.24
CA ASN A 60 16.49 7.37 -14.01
C ASN A 60 15.55 7.96 -15.06
N ASP A 61 15.44 9.28 -15.09
CA ASP A 61 14.50 9.92 -16.01
C ASP A 61 14.82 9.57 -17.46
N LEU A 62 16.11 9.56 -17.82
CA LEU A 62 16.50 9.20 -19.18
C LEU A 62 16.31 7.71 -19.44
N GLY A 63 16.70 6.88 -18.48
CA GLY A 63 16.56 5.44 -18.66
C GLY A 63 15.12 5.01 -18.90
N ARG A 64 14.19 5.56 -18.13
CA ARG A 64 12.78 5.24 -18.33
C ARG A 64 12.36 5.58 -19.76
N PHE A 65 12.75 6.75 -20.24
CA PHE A 65 12.37 7.18 -21.59
C PHE A 65 12.98 6.28 -22.65
N LEU A 66 14.22 5.84 -22.44
CA LEU A 66 14.93 5.06 -23.45
C LEU A 66 14.59 3.58 -23.41
N LEU A 67 14.12 3.06 -22.28
CA LEU A 67 13.91 1.62 -22.16
C LEU A 67 12.98 1.08 -23.23
N PRO A 68 11.76 1.60 -23.41
CA PRO A 68 10.90 1.08 -24.48
C PRO A 68 11.55 1.12 -25.86
N GLN A 69 12.36 2.15 -26.14
CA GLN A 69 13.05 2.20 -27.42
C GLN A 69 14.03 1.05 -27.57
N ALA A 70 14.77 0.74 -26.49
CA ALA A 70 15.69 -0.39 -26.53
C ALA A 70 14.96 -1.69 -26.76
N LEU A 71 13.80 -1.87 -26.11
CA LEU A 71 13.03 -3.10 -26.28
C LEU A 71 12.54 -3.24 -27.71
N GLU A 72 12.15 -2.13 -28.34
CA GLU A 72 11.71 -2.19 -29.73
C GLU A 72 12.88 -2.54 -30.65
N ILE A 73 14.02 -1.91 -30.46
CA ILE A 73 15.20 -2.22 -31.27
C ILE A 73 15.53 -3.71 -31.16
N LEU A 74 15.56 -4.22 -29.92
CA LEU A 74 15.90 -5.62 -29.72
C LEU A 74 14.82 -6.54 -30.31
N GLY A 75 13.55 -6.16 -30.19
CA GLY A 75 12.49 -6.98 -30.72
C GLY A 75 12.50 -7.05 -32.24
N ARG A 76 12.79 -5.92 -32.89
CA ARG A 76 12.88 -5.92 -34.35
C ARG A 76 14.06 -6.75 -34.82
N CYS A 77 15.19 -6.67 -34.13
CA CYS A 77 16.32 -7.52 -34.45
C CYS A 77 15.94 -9.00 -34.34
N GLU A 78 15.21 -9.35 -33.28
CA GLU A 78 14.70 -10.71 -33.17
C GLU A 78 13.75 -11.03 -34.32
N ALA A 79 12.86 -10.10 -34.65
CA ALA A 79 12.00 -10.29 -35.82
C ALA A 79 12.84 -10.41 -37.09
N PHE A 80 13.93 -9.66 -37.17
CA PHE A 80 14.82 -9.74 -38.33
C PHE A 80 15.34 -11.15 -38.52
N GLU A 81 16.04 -11.68 -37.51
CA GLU A 81 16.60 -13.03 -37.62
C GLU A 81 15.51 -14.06 -37.86
N GLN A 82 14.39 -13.95 -37.15
CA GLN A 82 13.24 -14.81 -37.41
C GLN A 82 12.86 -14.76 -38.89
N ALA A 83 12.49 -13.56 -39.36
CA ALA A 83 11.99 -13.41 -40.73
C ALA A 83 12.95 -13.99 -41.76
N ALA A 84 14.22 -14.20 -41.40
CA ALA A 84 15.15 -14.87 -42.31
C ALA A 84 15.00 -16.39 -42.21
N LYS A 85 15.42 -16.95 -41.06
CA LYS A 85 15.34 -18.40 -40.88
C LYS A 85 13.90 -18.90 -41.01
N GLY A 86 12.91 -18.03 -40.88
CA GLY A 86 11.57 -18.32 -41.34
C GLY A 86 10.56 -18.76 -40.31
N GLU A 87 10.85 -18.62 -39.01
CA GLU A 87 9.88 -19.06 -38.00
C GLU A 87 10.35 -18.60 -36.64
N LEU A 88 9.45 -18.75 -35.66
CA LEU A 88 9.73 -18.39 -34.27
C LEU A 88 11.06 -18.97 -33.80
N GLN A 89 12.03 -18.10 -33.52
CA GLN A 89 13.28 -18.54 -32.93
C GLN A 89 13.16 -18.58 -31.41
N SER A 90 13.76 -17.61 -30.71
CA SER A 90 13.87 -17.67 -29.26
C SER A 90 12.68 -16.97 -28.60
N ILE A 91 12.10 -17.61 -27.60
CA ILE A 91 11.06 -17.04 -26.75
C ILE A 91 11.63 -16.89 -25.35
N ASP A 92 11.56 -15.68 -24.80
CA ASP A 92 12.10 -15.38 -23.48
C ASP A 92 11.15 -14.40 -22.80
N LEU A 93 10.29 -14.91 -21.93
CA LEU A 93 9.22 -14.13 -21.33
C LEU A 93 9.27 -14.23 -19.81
N ARG A 94 8.96 -13.12 -19.14
CA ARG A 94 8.79 -13.07 -17.70
C ARG A 94 7.31 -12.84 -17.42
N LEU A 95 6.65 -13.84 -16.86
CA LEU A 95 5.20 -13.82 -16.70
C LEU A 95 4.82 -13.63 -15.23
N GLY A 96 3.65 -13.05 -15.03
CA GLY A 96 3.07 -12.95 -13.70
C GLY A 96 1.63 -13.45 -13.73
N ALA A 97 1.17 -13.91 -12.57
CA ALA A 97 -0.20 -14.40 -12.45
C ALA A 97 -0.66 -14.24 -11.01
N THR A 98 -1.94 -13.93 -10.85
CA THR A 98 -2.52 -13.80 -9.53
C THR A 98 -2.89 -15.18 -8.97
N LEU A 99 -3.33 -15.19 -7.71
CA LEU A 99 -3.37 -16.45 -6.96
C LEU A 99 -4.30 -17.47 -7.61
N THR A 100 -5.54 -17.07 -7.90
CA THR A 100 -6.50 -18.04 -8.43
C THR A 100 -6.11 -18.48 -9.84
N ILE A 101 -5.59 -17.57 -10.66
CA ILE A 101 -5.18 -17.94 -12.02
C ILE A 101 -4.01 -18.91 -11.97
N SER A 102 -3.06 -18.68 -11.06
CA SER A 102 -1.88 -19.53 -11.02
C SER A 102 -2.19 -20.92 -10.49
N ASP A 103 -3.19 -21.05 -9.61
CA ASP A 103 -3.53 -22.36 -9.06
C ASP A 103 -4.25 -23.23 -10.09
N TYR A 104 -5.17 -22.64 -10.85
CA TYR A 104 -6.13 -23.42 -11.62
C TYR A 104 -6.06 -23.20 -13.13
N LEU A 105 -5.18 -22.35 -13.62
CA LEU A 105 -5.09 -22.13 -15.06
C LEU A 105 -3.66 -22.17 -15.59
N ILE A 106 -2.69 -21.67 -14.85
CA ILE A 106 -1.32 -21.50 -15.34
C ILE A 106 -0.67 -22.84 -15.62
N PRO A 107 -0.78 -23.83 -14.74
CA PRO A 107 -0.08 -25.11 -15.01
C PRO A 107 -0.45 -25.72 -16.36
N ASP A 108 -1.75 -25.83 -16.66
CA ASP A 108 -2.17 -26.34 -17.96
C ASP A 108 -1.70 -25.41 -19.08
N LEU A 109 -1.80 -24.10 -18.86
CA LEU A 109 -1.52 -23.14 -19.92
C LEU A 109 -0.06 -23.15 -20.32
N MET A 110 0.85 -23.14 -19.34
CA MET A 110 2.27 -23.13 -19.67
C MET A 110 2.71 -24.50 -20.21
N ALA A 111 2.21 -25.59 -19.62
CA ALA A 111 2.53 -26.91 -20.14
C ALA A 111 2.10 -27.05 -21.59
N ASP A 112 0.89 -26.58 -21.92
CA ASP A 112 0.41 -26.65 -23.30
C ASP A 112 1.19 -25.70 -24.20
N PHE A 113 1.61 -24.55 -23.68
CA PHE A 113 2.43 -23.65 -24.49
C PHE A 113 3.81 -24.22 -24.76
N LEU A 114 4.34 -25.00 -23.81
CA LEU A 114 5.66 -25.59 -23.99
C LEU A 114 5.63 -26.84 -24.87
N GLN A 115 4.48 -27.51 -24.94
CA GLN A 115 4.33 -28.60 -25.91
C GLN A 115 4.41 -28.05 -27.33
N ILE A 116 3.91 -26.83 -27.55
CA ILE A 116 3.95 -26.24 -28.87
C ILE A 116 5.29 -25.56 -29.14
N HIS A 117 5.90 -24.96 -28.10
CA HIS A 117 7.19 -24.29 -28.20
C HIS A 117 8.13 -24.92 -27.18
N PRO A 118 8.70 -26.10 -27.49
CA PRO A 118 9.58 -26.76 -26.50
C PRO A 118 10.81 -25.94 -26.14
N GLN A 119 11.18 -24.95 -26.95
CA GLN A 119 12.38 -24.17 -26.71
C GLN A 119 12.09 -22.87 -25.95
N ALA A 120 10.85 -22.62 -25.58
CA ALA A 120 10.49 -21.36 -24.95
C ALA A 120 11.09 -21.27 -23.55
N HIS A 121 11.62 -20.09 -23.22
CA HIS A 121 12.04 -19.76 -21.87
C HIS A 121 10.95 -18.93 -21.21
N LEU A 122 10.48 -19.39 -20.06
CA LEU A 122 9.39 -18.74 -19.33
C LEU A 122 9.75 -18.66 -17.86
N GLN A 123 9.65 -17.45 -17.29
CA GLN A 123 9.71 -17.24 -15.86
C GLN A 123 8.32 -16.93 -15.34
N LEU A 124 7.97 -17.52 -14.21
CA LEU A 124 6.66 -17.32 -13.60
C LEU A 124 6.82 -16.74 -12.21
N GLN A 125 6.14 -15.62 -11.96
CA GLN A 125 6.12 -14.95 -10.67
C GLN A 125 4.67 -14.85 -10.21
N VAL A 126 4.40 -15.21 -8.96
CA VAL A 126 3.05 -15.24 -8.43
C VAL A 126 2.91 -14.20 -7.32
N GLY A 127 1.79 -13.49 -7.33
CA GLY A 127 1.51 -12.49 -6.35
C GLY A 127 0.08 -12.01 -6.50
N ASN A 128 -0.27 -10.95 -5.77
CA ASN A 128 -1.60 -10.38 -5.89
C ASN A 128 -1.60 -9.34 -7.00
N THR A 129 -2.76 -8.72 -7.23
CA THR A 129 -2.94 -7.89 -8.42
C THR A 129 -2.02 -6.68 -8.40
N ARG A 130 -1.96 -5.96 -7.28
CA ARG A 130 -1.14 -4.76 -7.25
C ARG A 130 0.36 -5.09 -7.34
N GLN A 131 0.78 -6.23 -6.78
CA GLN A 131 2.16 -6.66 -6.98
C GLN A 131 2.43 -6.93 -8.46
N MET A 132 1.44 -7.43 -9.20
CA MET A 132 1.61 -7.63 -10.63
C MET A 132 1.62 -6.30 -11.37
N ILE A 133 0.71 -5.39 -11.02
CA ILE A 133 0.65 -4.10 -11.69
C ILE A 133 2.00 -3.39 -11.59
N GLU A 134 2.57 -3.35 -10.39
CA GLU A 134 3.84 -2.65 -10.22
C GLU A 134 4.97 -3.34 -10.96
N ALA A 135 4.92 -4.68 -11.07
CA ALA A 135 5.97 -5.38 -11.80
C ALA A 135 5.91 -5.08 -13.29
N VAL A 136 4.71 -5.07 -13.87
CA VAL A 136 4.57 -4.67 -15.27
C VAL A 136 4.93 -3.21 -15.43
N ASN A 137 4.62 -2.38 -14.43
CA ASN A 137 4.93 -0.96 -14.52
C ASN A 137 6.43 -0.71 -14.56
N GLN A 138 7.20 -1.50 -13.80
CA GLN A 138 8.65 -1.37 -13.75
C GLN A 138 9.34 -2.13 -14.87
N PHE A 139 8.61 -2.63 -15.86
CA PHE A 139 9.17 -3.47 -16.92
C PHE A 139 9.85 -4.70 -16.36
N GLN A 140 9.44 -5.14 -15.16
CA GLN A 140 9.95 -6.37 -14.58
C GLN A 140 9.20 -7.60 -15.07
N LEU A 141 8.00 -7.43 -15.60
CA LEU A 141 7.24 -8.51 -16.23
C LEU A 141 6.83 -8.08 -17.63
N ASP A 142 6.89 -9.03 -18.56
CA ASP A 142 6.39 -8.78 -19.91
C ASP A 142 4.88 -8.82 -19.97
N LEU A 143 4.25 -9.62 -19.11
CA LEU A 143 2.81 -9.86 -19.16
C LEU A 143 2.38 -10.48 -17.84
N ALA A 144 1.22 -10.06 -17.35
CA ALA A 144 0.63 -10.62 -16.15
C ALA A 144 -0.82 -10.99 -16.42
N LEU A 145 -1.22 -12.17 -15.96
CA LEU A 145 -2.62 -12.61 -16.00
C LEU A 145 -3.20 -12.32 -14.62
N ILE A 146 -4.14 -11.38 -14.55
CA ILE A 146 -4.62 -10.86 -13.28
C ILE A 146 -6.11 -11.11 -13.16
N GLU A 147 -6.57 -11.14 -11.90
CA GLU A 147 -7.99 -11.34 -11.59
C GLU A 147 -8.60 -10.17 -10.83
N GLY A 148 -7.83 -9.13 -10.56
CA GLY A 148 -8.33 -7.96 -9.86
C GLY A 148 -8.63 -6.81 -10.82
N SER A 149 -9.06 -5.70 -10.22
CA SER A 149 -9.38 -4.51 -11.00
C SER A 149 -8.13 -4.00 -11.71
N CYS A 150 -8.36 -3.25 -12.79
CA CYS A 150 -7.30 -2.87 -13.73
C CYS A 150 -7.52 -1.40 -14.10
N HIS A 151 -6.79 -0.50 -13.44
CA HIS A 151 -7.09 0.92 -13.55
C HIS A 151 -5.88 1.82 -13.72
N LEU A 152 -4.68 1.29 -14.01
CA LEU A 152 -3.54 2.18 -14.18
C LEU A 152 -3.47 2.66 -15.63
N PRO A 153 -3.31 3.96 -15.88
CA PRO A 153 -3.47 4.45 -17.26
C PRO A 153 -2.32 4.11 -18.19
N GLN A 154 -1.11 3.93 -17.68
CA GLN A 154 0.01 3.59 -18.55
C GLN A 154 0.09 2.11 -18.87
N LEU A 155 -0.70 1.28 -18.21
CA LEU A 155 -0.78 -0.14 -18.51
C LEU A 155 -2.05 -0.42 -19.30
N GLN A 156 -2.00 -1.47 -20.13
CA GLN A 156 -3.13 -1.85 -20.96
C GLN A 156 -3.80 -3.08 -20.37
N CYS A 157 -5.12 -3.04 -20.26
CA CYS A 157 -5.92 -4.13 -19.73
C CYS A 157 -6.66 -4.79 -20.89
N ILE A 158 -6.21 -5.98 -21.28
CA ILE A 158 -6.83 -6.75 -22.35
C ILE A 158 -7.70 -7.80 -21.70
N HIS A 159 -9.02 -7.68 -21.89
CA HIS A 159 -9.93 -8.67 -21.33
C HIS A 159 -9.58 -10.05 -21.85
N TRP A 160 -9.35 -10.98 -20.93
CA TRP A 160 -9.01 -12.36 -21.25
C TRP A 160 -10.24 -13.27 -21.20
N ARG A 161 -10.93 -13.28 -20.06
CA ARG A 161 -12.10 -14.12 -19.85
C ARG A 161 -12.76 -13.65 -18.57
N ASN A 162 -13.97 -14.16 -18.33
CA ASN A 162 -14.69 -13.86 -17.10
C ASN A 162 -14.59 -15.04 -16.15
N ASP A 163 -14.60 -14.73 -14.86
CA ASP A 163 -14.48 -15.73 -13.79
C ASP A 163 -15.66 -15.58 -12.84
N GLU A 164 -16.36 -16.67 -12.60
CA GLU A 164 -17.56 -16.67 -11.78
C GLU A 164 -17.23 -17.12 -10.37
N LEU A 165 -17.38 -16.22 -9.41
CA LEU A 165 -17.32 -16.60 -8.01
C LEU A 165 -18.69 -17.10 -7.54
N ALA A 166 -18.69 -17.78 -6.40
CA ALA A 166 -19.91 -18.33 -5.86
C ALA A 166 -19.82 -18.41 -4.35
N VAL A 167 -20.97 -18.29 -3.69
CA VAL A 167 -21.07 -18.50 -2.26
C VAL A 167 -21.19 -20.00 -2.01
N CYS A 168 -20.22 -20.56 -1.29
CA CYS A 168 -20.16 -21.99 -1.03
C CYS A 168 -20.21 -22.26 0.47
N CYS A 169 -20.63 -23.48 0.82
CA CYS A 169 -20.79 -23.87 2.20
C CYS A 169 -20.75 -25.39 2.27
N ALA A 170 -20.79 -25.93 3.49
CA ALA A 170 -20.85 -27.36 3.67
C ALA A 170 -22.21 -27.90 3.22
N PRO A 171 -22.26 -29.12 2.69
CA PRO A 171 -23.55 -29.66 2.25
C PRO A 171 -24.64 -29.61 3.29
N ASP A 172 -24.29 -29.67 4.58
CA ASP A 172 -25.28 -29.74 5.65
C ASP A 172 -25.49 -28.39 6.34
N HIS A 173 -25.12 -27.29 5.69
CA HIS A 173 -25.45 -25.98 6.24
C HIS A 173 -26.96 -25.76 6.18
N PRO A 174 -27.56 -25.13 7.18
CA PRO A 174 -29.02 -24.94 7.15
C PRO A 174 -29.51 -24.23 5.90
N LEU A 175 -28.75 -23.25 5.40
CA LEU A 175 -29.21 -22.49 4.24
C LEU A 175 -29.18 -23.31 2.96
N ALA A 176 -28.39 -24.38 2.91
CA ALA A 176 -28.36 -25.20 1.71
C ALA A 176 -29.61 -26.07 1.59
N LYS A 177 -30.25 -26.39 2.71
CA LYS A 177 -31.44 -27.23 2.73
C LYS A 177 -32.72 -26.43 2.93
N LEU A 178 -32.69 -25.13 2.64
CA LEU A 178 -33.84 -24.28 2.92
C LEU A 178 -34.92 -24.49 1.87
N GLY A 179 -36.16 -24.65 2.32
CA GLY A 179 -37.29 -24.85 1.43
C GLY A 179 -37.87 -23.56 0.90
N ARG A 180 -37.01 -22.65 0.44
CA ARG A 180 -37.44 -21.42 -0.20
C ARG A 180 -36.22 -20.72 -0.78
N PRO A 181 -36.35 -20.04 -1.92
CA PRO A 181 -35.22 -19.24 -2.43
C PRO A 181 -34.64 -18.35 -1.34
N LEU A 182 -33.33 -18.12 -1.43
CA LEU A 182 -32.62 -17.37 -0.42
C LEU A 182 -32.75 -15.87 -0.66
N THR A 183 -32.58 -15.11 0.42
CA THR A 183 -32.52 -13.66 0.37
C THR A 183 -31.20 -13.21 0.97
N ALA A 184 -30.77 -12.00 0.59
CA ALA A 184 -29.57 -11.44 1.20
C ALA A 184 -29.70 -11.37 2.71
N GLN A 185 -30.92 -11.15 3.22
CA GLN A 185 -31.14 -11.07 4.65
C GLN A 185 -30.98 -12.41 5.36
N ASP A 186 -30.87 -13.51 4.61
CA ASP A 186 -30.62 -14.80 5.23
C ASP A 186 -29.19 -14.96 5.69
N PHE A 187 -28.26 -14.17 5.14
CA PHE A 187 -26.84 -14.28 5.44
C PHE A 187 -26.38 -13.32 6.52
N LEU A 188 -27.31 -12.70 7.25
CA LEU A 188 -26.95 -11.61 8.16
C LEU A 188 -25.94 -12.08 9.21
N ASN A 189 -26.10 -13.30 9.71
CA ASN A 189 -25.28 -13.79 10.83
C ASN A 189 -24.33 -14.91 10.42
N VAL A 190 -23.99 -15.01 9.14
CA VAL A 190 -23.08 -16.04 8.68
C VAL A 190 -21.65 -15.68 9.06
N GLU A 191 -20.86 -16.70 9.36
CA GLU A 191 -19.42 -16.54 9.60
C GLU A 191 -18.68 -16.73 8.28
N TRP A 192 -18.03 -15.67 7.81
CA TRP A 192 -17.38 -15.67 6.51
C TRP A 192 -15.90 -16.02 6.64
N ILE A 193 -15.41 -16.84 5.73
CA ILE A 193 -14.00 -17.17 5.60
C ILE A 193 -13.58 -16.68 4.22
N LEU A 194 -12.79 -15.61 4.17
CA LEU A 194 -12.57 -14.85 2.95
C LEU A 194 -11.09 -14.73 2.65
N ARG A 195 -10.80 -14.29 1.42
CA ARG A 195 -9.45 -14.01 0.98
C ARG A 195 -8.96 -12.68 1.58
N GLU A 196 -7.65 -12.48 1.53
CA GLU A 196 -7.04 -11.36 2.22
C GLU A 196 -7.53 -10.03 1.64
N GLU A 197 -7.47 -9.00 2.47
CA GLU A 197 -7.77 -7.65 2.02
C GLU A 197 -6.82 -7.25 0.91
N GLY A 198 -7.37 -6.71 -0.18
CA GLY A 198 -6.59 -6.25 -1.30
C GLY A 198 -6.56 -7.18 -2.49
N SER A 199 -6.92 -8.45 -2.30
CA SER A 199 -6.95 -9.39 -3.40
C SER A 199 -8.18 -9.16 -4.26
N GLY A 200 -8.12 -9.67 -5.50
CA GLY A 200 -9.24 -9.52 -6.41
C GLY A 200 -10.48 -10.26 -5.93
N THR A 201 -10.28 -11.46 -5.36
CA THR A 201 -11.41 -12.24 -4.88
C THR A 201 -12.13 -11.51 -3.75
N ARG A 202 -11.38 -10.93 -2.82
CA ARG A 202 -12.00 -10.17 -1.73
C ARG A 202 -12.68 -8.92 -2.25
N GLU A 203 -12.16 -8.34 -3.33
CA GLU A 203 -12.81 -7.20 -3.96
C GLU A 203 -14.27 -7.49 -4.25
N VAL A 204 -14.56 -8.68 -4.78
CA VAL A 204 -15.93 -9.00 -5.18
C VAL A 204 -16.84 -9.04 -3.96
N PHE A 205 -16.40 -9.69 -2.89
CA PHE A 205 -17.21 -9.75 -1.67
C PHE A 205 -17.49 -8.35 -1.14
N ASP A 206 -16.44 -7.53 -1.03
CA ASP A 206 -16.62 -6.19 -0.46
C ASP A 206 -17.54 -5.33 -1.32
N ASN A 207 -17.52 -5.51 -2.63
CA ASN A 207 -18.28 -4.67 -3.55
C ASN A 207 -19.62 -5.26 -3.95
N ALA A 208 -19.91 -6.50 -3.58
CA ALA A 208 -21.18 -7.13 -3.92
C ALA A 208 -21.98 -7.59 -2.71
N ILE A 209 -21.32 -8.15 -1.71
CA ILE A 209 -22.01 -8.81 -0.60
C ILE A 209 -21.98 -7.97 0.67
N LEU A 210 -20.96 -7.13 0.85
CA LEU A 210 -20.85 -6.35 2.08
C LEU A 210 -21.93 -5.29 2.16
N GLN A 211 -22.36 -4.75 1.02
CA GLN A 211 -23.44 -3.77 1.01
C GLN A 211 -24.65 -4.25 1.80
N ASP A 212 -25.05 -5.50 1.61
CA ASP A 212 -26.25 -6.02 2.25
C ASP A 212 -26.00 -6.53 3.67
N VAL A 213 -24.77 -6.92 3.98
CA VAL A 213 -24.44 -7.40 5.33
C VAL A 213 -23.32 -6.52 5.87
N PRO A 214 -23.59 -5.26 6.16
CA PRO A 214 -22.48 -4.36 6.57
C PRO A 214 -21.76 -4.82 7.81
N ASP A 215 -22.44 -5.49 8.74
CA ASP A 215 -21.84 -6.05 9.93
C ASP A 215 -21.49 -7.52 9.77
N ALA A 216 -21.16 -7.95 8.55
CA ALA A 216 -20.78 -9.34 8.31
C ALA A 216 -19.64 -9.74 9.23
N ASN A 217 -19.71 -10.96 9.74
CA ASN A 217 -18.74 -11.47 10.70
C ASN A 217 -17.58 -12.10 9.93
N ILE A 218 -16.40 -11.51 10.06
CA ILE A 218 -15.22 -11.92 9.29
C ILE A 218 -14.07 -12.06 10.28
N ARG A 219 -13.86 -13.28 10.78
N ARG A 219 -13.85 -13.28 10.78
CA ARG A 219 -12.78 -13.57 11.71
CA ARG A 219 -12.77 -13.56 11.70
C ARG A 219 -11.58 -14.22 11.03
C ARG A 219 -11.58 -14.25 11.05
N LEU A 220 -11.78 -14.91 9.91
CA LEU A 220 -10.75 -15.67 9.23
C LEU A 220 -10.53 -15.10 7.84
N THR A 221 -9.32 -14.58 7.59
CA THR A 221 -8.93 -14.10 6.27
C THR A 221 -7.62 -14.80 5.90
N LEU A 222 -7.64 -15.56 4.81
CA LEU A 222 -6.52 -16.39 4.42
C LEU A 222 -6.13 -16.10 2.98
N GLY A 223 -4.83 -16.00 2.73
CA GLY A 223 -4.34 -15.84 1.38
C GLY A 223 -4.10 -17.17 0.70
N HIS A 224 -5.06 -18.08 0.82
CA HIS A 224 -4.94 -19.42 0.25
C HIS A 224 -6.33 -19.97 -0.02
N ASN A 225 -6.61 -20.30 -1.27
CA ASN A 225 -7.95 -20.75 -1.64
C ASN A 225 -8.28 -22.10 -1.02
N GLU A 226 -7.32 -23.03 -1.00
CA GLU A 226 -7.62 -24.37 -0.51
C GLU A 226 -7.84 -24.38 0.99
N ALA A 227 -7.04 -23.64 1.74
CA ALA A 227 -7.25 -23.56 3.18
C ALA A 227 -8.64 -23.03 3.49
N ILE A 228 -9.10 -22.02 2.74
CA ILE A 228 -10.44 -21.48 2.93
C ILE A 228 -11.48 -22.57 2.74
N LEU A 229 -11.40 -23.30 1.63
CA LEU A 229 -12.44 -24.26 1.29
C LEU A 229 -12.43 -25.48 2.22
N LYS A 230 -11.25 -25.88 2.70
CA LYS A 230 -11.21 -26.99 3.65
C LYS A 230 -11.82 -26.59 5.00
N ILE A 231 -11.68 -25.32 5.40
CA ILE A 231 -12.31 -24.86 6.61
C ILE A 231 -13.82 -24.74 6.43
N VAL A 232 -14.25 -24.18 5.30
CA VAL A 232 -15.68 -24.08 5.01
C VAL A 232 -16.31 -25.47 5.01
N ALA A 233 -15.66 -26.43 4.34
CA ALA A 233 -16.18 -27.79 4.30
C ALA A 233 -16.05 -28.51 5.63
N GLY A 234 -15.17 -28.03 6.52
CA GLY A 234 -14.98 -28.63 7.81
C GLY A 234 -16.05 -28.33 8.84
N GLY A 235 -17.18 -27.77 8.40
CA GLY A 235 -18.26 -27.44 9.30
C GLY A 235 -19.05 -26.26 8.78
N LEU A 236 -19.37 -25.31 9.66
CA LEU A 236 -20.03 -24.09 9.23
C LEU A 236 -18.98 -23.08 8.76
N GLY A 237 -19.45 -21.93 8.34
CA GLY A 237 -18.62 -20.98 7.64
C GLY A 237 -18.91 -20.98 6.15
N MET A 238 -18.82 -19.79 5.54
CA MET A 238 -19.05 -19.63 4.12
C MET A 238 -17.94 -18.80 3.51
N SER A 239 -17.79 -18.94 2.19
CA SER A 239 -16.82 -18.14 1.45
C SER A 239 -17.42 -17.75 0.11
N CYS A 240 -16.84 -16.72 -0.49
CA CYS A 240 -17.16 -16.29 -1.85
C CYS A 240 -15.89 -16.53 -2.67
N ILE A 241 -15.87 -17.63 -3.42
CA ILE A 241 -14.66 -18.09 -4.08
C ILE A 241 -14.97 -18.42 -5.53
N SER A 242 -13.94 -18.34 -6.37
CA SER A 242 -14.09 -18.70 -7.77
C SER A 242 -14.58 -20.13 -7.92
N ARG A 243 -15.46 -20.35 -8.89
CA ARG A 243 -15.91 -21.70 -9.18
C ARG A 243 -14.78 -22.59 -9.65
N LEU A 244 -13.70 -22.00 -10.18
CA LEU A 244 -12.53 -22.79 -10.53
C LEU A 244 -12.03 -23.59 -9.33
N ALA A 245 -12.13 -23.02 -8.13
CA ALA A 245 -11.66 -23.69 -6.92
C ALA A 245 -12.73 -24.53 -6.25
N ILE A 246 -14.00 -24.13 -6.36
CA ILE A 246 -15.07 -24.85 -5.68
C ILE A 246 -15.36 -26.16 -6.39
N GLU A 247 -15.63 -26.09 -7.70
CA GLU A 247 -16.15 -27.24 -8.43
C GLU A 247 -15.36 -28.52 -8.22
N PRO A 248 -14.02 -28.51 -8.20
CA PRO A 248 -13.30 -29.76 -7.89
C PRO A 248 -13.74 -30.40 -6.58
N LEU A 249 -14.17 -29.60 -5.61
CA LEU A 249 -14.65 -30.11 -4.34
C LEU A 249 -16.13 -30.47 -4.36
N ILE A 250 -16.91 -29.89 -5.28
CA ILE A 250 -18.30 -30.31 -5.43
C ILE A 250 -18.36 -31.73 -5.94
N GLU A 251 -17.36 -32.16 -6.71
CA GLU A 251 -17.33 -33.55 -7.17
C GLU A 251 -17.15 -34.52 -6.02
N LYS A 252 -16.50 -34.08 -4.94
CA LYS A 252 -16.20 -34.93 -3.80
C LYS A 252 -17.22 -34.80 -2.66
N GLY A 253 -18.35 -34.16 -2.92
CA GLY A 253 -19.35 -34.00 -1.88
C GLY A 253 -18.91 -33.15 -0.71
N GLN A 254 -17.88 -32.34 -0.88
CA GLN A 254 -17.35 -31.54 0.22
C GLN A 254 -18.01 -30.17 0.32
N LEU A 255 -18.54 -29.64 -0.77
CA LEU A 255 -19.16 -28.33 -0.77
C LEU A 255 -20.42 -28.35 -1.62
N VAL A 256 -21.27 -27.33 -1.41
CA VAL A 256 -22.37 -27.01 -2.29
C VAL A 256 -22.31 -25.51 -2.54
N ILE A 257 -23.00 -25.07 -3.59
CA ILE A 257 -23.09 -23.66 -3.94
C ILE A 257 -24.50 -23.18 -3.66
N LEU A 258 -24.61 -22.04 -2.98
CA LEU A 258 -25.90 -21.42 -2.71
C LEU A 258 -26.25 -20.45 -3.82
N GLU A 259 -27.52 -20.49 -4.26
CA GLU A 259 -27.99 -19.60 -5.30
C GLU A 259 -28.19 -18.21 -4.71
N THR A 260 -27.37 -17.26 -5.15
CA THR A 260 -27.42 -15.88 -4.67
C THR A 260 -27.53 -14.94 -5.86
N PRO A 261 -28.68 -14.98 -6.56
CA PRO A 261 -28.83 -14.11 -7.75
C PRO A 261 -28.86 -12.63 -7.41
N PHE A 262 -29.28 -12.26 -6.20
CA PHE A 262 -29.30 -10.87 -5.80
C PHE A 262 -27.91 -10.23 -5.76
N TRP A 263 -26.85 -11.02 -5.92
CA TRP A 263 -25.48 -10.53 -5.90
C TRP A 263 -24.82 -10.83 -7.23
N GLU A 264 -24.17 -9.82 -7.81
CA GLU A 264 -23.40 -10.00 -9.04
C GLU A 264 -21.99 -10.44 -8.67
N LEU A 265 -21.65 -11.69 -8.96
CA LEU A 265 -20.37 -12.26 -8.59
C LEU A 265 -19.47 -12.51 -9.80
N THR A 266 -19.73 -11.83 -10.92
CA THR A 266 -18.77 -11.84 -12.01
C THR A 266 -17.49 -11.14 -11.58
N ARG A 267 -16.42 -11.41 -12.34
CA ARG A 267 -15.25 -10.55 -12.39
C ARG A 267 -14.50 -10.85 -13.68
N PRO A 268 -13.91 -9.85 -14.33
CA PRO A 268 -13.11 -10.10 -15.52
C PRO A 268 -11.67 -10.45 -15.21
N LEU A 269 -11.15 -11.45 -15.91
CA LEU A 269 -9.72 -11.74 -15.90
C LEU A 269 -9.08 -11.00 -17.06
N HIS A 270 -7.88 -10.44 -16.81
CA HIS A 270 -7.23 -9.59 -17.79
C HIS A 270 -5.82 -10.07 -18.07
N LEU A 271 -5.35 -9.78 -19.28
CA LEU A 271 -3.93 -9.83 -19.62
C LEU A 271 -3.39 -8.41 -19.50
N LEU A 272 -2.29 -8.25 -18.77
CA LEU A 272 -1.75 -6.94 -18.44
C LEU A 272 -0.39 -6.77 -19.09
N VAL A 273 -0.28 -5.77 -19.98
CA VAL A 273 0.98 -5.43 -20.63
C VAL A 273 1.18 -3.92 -20.51
N HIS A 274 2.44 -3.51 -20.64
CA HIS A 274 2.77 -2.10 -20.66
C HIS A 274 2.47 -1.53 -22.05
N ARG A 275 1.79 -0.39 -22.09
CA ARG A 275 1.43 0.21 -23.37
C ARG A 275 2.66 0.55 -24.21
N GLN A 276 3.81 0.75 -23.58
CA GLN A 276 5.02 1.10 -24.29
C GLN A 276 5.88 -0.10 -24.67
N LYS A 277 5.53 -1.30 -24.21
CA LYS A 277 6.38 -2.47 -24.45
C LYS A 277 6.12 -3.01 -25.84
N TYR A 278 7.11 -2.86 -26.72
CA TYR A 278 7.06 -3.52 -28.03
C TYR A 278 6.77 -5.00 -27.85
N GLN A 279 5.87 -5.53 -28.68
CA GLN A 279 5.46 -6.93 -28.60
C GLN A 279 6.22 -7.70 -29.67
N GLY A 280 7.40 -8.19 -29.28
CA GLY A 280 8.19 -9.00 -30.17
C GLY A 280 7.52 -10.32 -30.47
N PRO A 281 8.16 -11.12 -31.33
CA PRO A 281 7.57 -12.42 -31.69
C PRO A 281 7.23 -13.28 -30.48
N GLY A 282 8.13 -13.34 -29.50
CA GLY A 282 7.89 -14.13 -28.30
C GLY A 282 6.60 -13.76 -27.60
N LEU A 283 6.52 -12.51 -27.11
CA LEU A 283 5.35 -12.08 -26.37
C LEU A 283 4.08 -12.29 -27.18
N LYS A 284 4.06 -11.82 -28.42
CA LYS A 284 2.84 -11.86 -29.22
C LYS A 284 2.35 -13.29 -29.40
N ALA A 285 3.26 -14.23 -29.65
CA ALA A 285 2.87 -15.62 -29.80
C ALA A 285 2.20 -16.14 -28.53
N PHE A 286 2.67 -15.68 -27.36
CA PHE A 286 2.08 -16.13 -26.11
C PHE A 286 0.73 -15.48 -25.88
N MET A 287 0.58 -14.21 -26.25
CA MET A 287 -0.70 -13.53 -26.05
C MET A 287 -1.79 -14.17 -26.90
N ASN A 288 -1.54 -14.33 -28.20
CA ASN A 288 -2.51 -15.00 -29.06
C ASN A 288 -2.88 -16.38 -28.51
N PHE A 289 -1.88 -17.12 -28.05
CA PHE A 289 -2.13 -18.42 -27.44
C PHE A 289 -3.12 -18.31 -26.30
N CYS A 290 -2.90 -17.35 -25.39
CA CYS A 290 -3.83 -17.15 -24.27
C CYS A 290 -5.21 -16.77 -24.78
N GLU A 291 -5.27 -15.91 -25.80
CA GLU A 291 -6.57 -15.53 -26.37
C GLU A 291 -7.24 -16.72 -27.05
N ASN A 292 -6.49 -17.45 -27.87
CA ASN A 292 -7.04 -18.59 -28.62
C ASN A 292 -7.45 -19.74 -27.71
N ARG A 293 -7.43 -19.60 -26.39
CA ARG A 293 -8.11 -20.53 -25.49
C ARG A 293 -9.60 -20.24 -25.40
N VAL A 294 -10.23 -19.94 -26.53
CA VAL A 294 -11.64 -19.52 -26.56
C VAL A 294 -12.53 -20.60 -25.96
N MET B 1 -11.95 18.13 36.88
CA MET B 1 -12.00 17.05 37.90
C MET B 1 -10.90 16.02 37.66
N ARG B 2 -10.44 15.39 38.76
CA ARG B 2 -9.34 14.43 38.73
C ARG B 2 -9.61 13.35 39.78
N MET B 3 -10.68 12.58 39.58
CA MET B 3 -11.01 11.54 40.53
C MET B 3 -10.12 10.31 40.31
N THR B 4 -10.14 9.41 41.30
CA THR B 4 -9.26 8.26 41.31
C THR B 4 -10.05 6.99 41.63
N LEU B 5 -9.46 5.85 41.29
CA LEU B 5 -10.08 4.57 41.63
C LEU B 5 -10.23 4.43 43.14
N ARG B 6 -9.24 4.90 43.90
CA ARG B 6 -9.34 4.86 45.36
C ARG B 6 -10.61 5.56 45.84
N GLN B 7 -10.89 6.74 45.30
CA GLN B 7 -12.09 7.47 45.70
C GLN B 7 -13.35 6.68 45.40
N LEU B 8 -13.41 6.05 44.21
CA LEU B 8 -14.57 5.23 43.89
C LEU B 8 -14.66 4.03 44.85
N ALA B 9 -13.52 3.43 45.18
CA ALA B 9 -13.53 2.29 46.09
C ALA B 9 -14.03 2.69 47.47
N VAL B 10 -13.59 3.86 47.96
CA VAL B 10 -14.08 4.34 49.25
C VAL B 10 -15.57 4.66 49.16
N PHE B 11 -15.99 5.32 48.09
CA PHE B 11 -17.40 5.62 47.89
C PHE B 11 -18.24 4.35 47.98
N VAL B 12 -17.80 3.28 47.32
CA VAL B 12 -18.57 2.03 47.32
C VAL B 12 -18.47 1.36 48.69
N ALA B 13 -17.28 1.32 49.27
CA ALA B 13 -17.12 0.69 50.57
C ALA B 13 -18.00 1.38 51.62
N VAL B 14 -18.03 2.71 51.61
CA VAL B 14 -18.89 3.42 52.54
C VAL B 14 -20.35 3.11 52.26
N ALA B 15 -20.72 2.99 50.99
CA ALA B 15 -22.09 2.63 50.64
C ALA B 15 -22.48 1.28 51.20
N GLN B 16 -21.52 0.35 51.28
CA GLN B 16 -21.80 -1.00 51.74
C GLN B 16 -21.57 -1.19 53.23
N GLU B 17 -20.74 -0.36 53.86
CA GLU B 17 -20.40 -0.55 55.26
C GLU B 17 -21.09 0.43 56.19
N GLY B 18 -21.34 1.66 55.75
CA GLY B 18 -22.06 2.64 56.54
C GLY B 18 -21.19 3.55 57.39
N THR B 19 -19.91 3.22 57.56
CA THR B 19 -19.00 4.06 58.32
C THR B 19 -17.67 4.14 57.59
N VAL B 20 -16.95 5.25 57.83
CA VAL B 20 -15.63 5.41 57.24
C VAL B 20 -14.66 4.38 57.81
N THR B 21 -14.79 4.08 59.10
CA THR B 21 -13.85 3.17 59.75
C THR B 21 -13.93 1.77 59.15
N LYS B 22 -15.15 1.24 59.03
CA LYS B 22 -15.31 -0.09 58.44
C LYS B 22 -15.03 -0.07 56.95
N ALA B 23 -15.39 1.02 56.27
CA ALA B 23 -15.04 1.15 54.86
C ALA B 23 -13.52 1.13 54.67
N SER B 24 -12.80 1.85 55.52
CA SER B 24 -11.34 1.90 55.40
C SER B 24 -10.71 0.54 55.64
N ASP B 25 -11.35 -0.30 56.48
CA ASP B 25 -10.84 -1.65 56.68
C ASP B 25 -11.10 -2.52 55.46
N ALA B 26 -12.27 -2.37 54.83
CA ALA B 26 -12.59 -3.15 53.65
C ALA B 26 -11.58 -2.90 52.54
N VAL B 27 -11.24 -1.63 52.29
CA VAL B 27 -10.42 -1.28 51.14
C VAL B 27 -8.95 -1.17 51.52
N ARG B 28 -8.59 -1.64 52.72
CA ARG B 28 -7.20 -1.67 53.16
C ARG B 28 -6.59 -0.26 53.07
N LEU B 29 -7.10 0.60 53.94
CA LEU B 29 -6.67 1.99 54.01
C LEU B 29 -6.81 2.48 55.44
N THR B 30 -6.03 3.51 55.76
CA THR B 30 -6.18 4.19 57.04
C THR B 30 -7.49 4.98 57.06
N GLN B 31 -8.02 5.18 58.27
CA GLN B 31 -9.23 5.99 58.40
C GLN B 31 -9.01 7.40 57.87
N SER B 32 -7.79 7.91 57.97
CA SER B 32 -7.50 9.26 57.48
C SER B 32 -7.51 9.30 55.96
N ALA B 33 -6.89 8.31 55.30
CA ALA B 33 -6.83 8.31 53.84
C ALA B 33 -8.20 8.08 53.23
N ALA B 34 -8.99 7.18 53.82
CA ALA B 34 -10.33 6.93 53.29
C ALA B 34 -11.22 8.15 53.47
N SER B 35 -11.23 8.73 54.67
CA SER B 35 -11.96 9.98 54.88
C SER B 35 -11.50 11.04 53.89
N MET B 36 -10.19 11.16 53.69
CA MET B 36 -9.66 12.13 52.73
C MET B 36 -10.13 11.81 51.32
N ALA B 37 -10.15 10.52 50.96
CA ALA B 37 -10.57 10.15 49.62
C ALA B 37 -12.03 10.50 49.37
N LEU B 38 -12.91 10.18 50.31
CA LEU B 38 -14.32 10.51 50.14
C LEU B 38 -14.52 12.02 50.04
N ALA B 39 -13.83 12.79 50.89
CA ALA B 39 -13.97 14.24 50.83
C ALA B 39 -13.50 14.78 49.49
N ASP B 40 -12.39 14.26 48.97
CA ASP B 40 -11.92 14.69 47.66
C ASP B 40 -12.94 14.41 46.58
N LEU B 41 -13.56 13.22 46.62
CA LEU B 41 -14.57 12.87 45.62
C LEU B 41 -15.74 13.84 45.67
N GLU B 42 -16.29 14.06 46.86
CA GLU B 42 -17.45 14.93 46.99
C GLU B 42 -17.10 16.37 46.59
N ASP B 43 -15.90 16.83 46.92
CA ASP B 43 -15.48 18.16 46.49
C ASP B 43 -15.29 18.20 44.98
N GLY B 44 -14.80 17.11 44.38
CA GLY B 44 -14.71 17.07 42.93
C GLY B 44 -16.06 17.08 42.25
N LEU B 45 -17.01 16.30 42.77
CA LEU B 45 -18.36 16.31 42.22
C LEU B 45 -19.10 17.59 42.59
N GLY B 46 -18.72 18.22 43.69
CA GLY B 46 -19.38 19.44 44.12
C GLY B 46 -20.68 19.22 44.85
N ALA B 47 -20.94 18.01 45.34
CA ALA B 47 -22.15 17.70 46.08
C ALA B 47 -21.89 16.48 46.93
N PRO B 48 -22.57 16.34 48.06
CA PRO B 48 -22.36 15.16 48.91
C PRO B 48 -23.00 13.92 48.31
N LEU B 49 -22.35 12.78 48.55
CA LEU B 49 -22.89 11.49 48.15
C LEU B 49 -23.59 10.76 49.28
N PHE B 50 -23.42 11.21 50.52
CA PHE B 50 -24.02 10.58 51.68
C PHE B 50 -24.64 11.64 52.59
N ASP B 51 -25.73 11.25 53.25
CA ASP B 51 -26.25 12.02 54.37
C ASP B 51 -25.53 11.61 55.64
N ARG B 52 -25.13 12.60 56.43
CA ARG B 52 -24.30 12.38 57.60
C ARG B 52 -25.18 12.43 58.85
N LEU B 53 -25.20 11.33 59.61
CA LEU B 53 -26.04 11.20 60.81
C LEU B 53 -25.17 10.58 61.91
N GLY B 54 -24.29 11.39 62.48
CA GLY B 54 -23.35 10.88 63.46
C GLY B 54 -22.16 10.26 62.76
N LYS B 55 -21.83 9.03 63.13
CA LYS B 55 -20.76 8.28 62.45
C LYS B 55 -21.28 7.52 61.24
N ARG B 56 -22.59 7.34 61.11
CA ARG B 56 -23.16 6.57 60.02
C ARG B 56 -23.28 7.43 58.77
N LEU B 57 -23.06 6.80 57.62
CA LEU B 57 -23.20 7.47 56.32
C LEU B 57 -24.26 6.74 55.52
N GLN B 58 -25.29 7.49 55.09
CA GLN B 58 -26.40 6.95 54.31
C GLN B 58 -26.41 7.60 52.95
N LEU B 59 -26.49 6.78 51.90
CA LEU B 59 -26.57 7.29 50.54
C LEU B 59 -27.73 8.27 50.40
N ASN B 60 -27.47 9.41 49.77
CA ASN B 60 -28.55 10.30 49.35
C ASN B 60 -28.94 9.95 47.92
N ASP B 61 -29.89 10.71 47.36
CA ASP B 61 -30.36 10.42 46.02
C ASP B 61 -29.22 10.43 45.01
N LEU B 62 -28.31 11.40 45.12
CA LEU B 62 -27.17 11.43 44.21
C LEU B 62 -26.28 10.20 44.40
N GLY B 63 -26.03 9.81 45.65
CA GLY B 63 -25.24 8.62 45.90
C GLY B 63 -25.85 7.39 45.27
N ARG B 64 -27.15 7.18 45.49
CA ARG B 64 -27.82 6.02 44.91
C ARG B 64 -27.81 6.07 43.39
N PHE B 65 -27.82 7.27 42.81
CA PHE B 65 -27.85 7.38 41.35
C PHE B 65 -26.49 7.05 40.75
N LEU B 66 -25.40 7.41 41.43
CA LEU B 66 -24.06 7.20 40.92
C LEU B 66 -23.44 5.88 41.37
N LEU B 67 -24.02 5.20 42.36
CA LEU B 67 -23.42 3.97 42.85
C LEU B 67 -23.23 2.93 41.76
N PRO B 68 -24.25 2.59 40.95
CA PRO B 68 -24.02 1.58 39.90
C PRO B 68 -22.93 1.95 38.91
N GLN B 69 -22.78 3.24 38.59
CA GLN B 69 -21.67 3.66 37.75
C GLN B 69 -20.34 3.32 38.40
N ALA B 70 -20.21 3.58 39.70
CA ALA B 70 -18.97 3.28 40.41
C ALA B 70 -18.71 1.77 40.46
N LEU B 71 -19.76 0.99 40.73
CA LEU B 71 -19.59 -0.46 40.83
C LEU B 71 -19.12 -1.04 39.50
N GLU B 72 -19.64 -0.52 38.38
CA GLU B 72 -19.21 -1.00 37.07
C GLU B 72 -17.75 -0.65 36.83
N ILE B 73 -17.35 0.58 37.14
CA ILE B 73 -15.96 0.99 36.95
C ILE B 73 -15.02 0.08 37.72
N LEU B 74 -15.28 -0.09 39.02
CA LEU B 74 -14.43 -0.94 39.84
C LEU B 74 -14.45 -2.39 39.34
N GLY B 75 -15.63 -2.88 38.96
CA GLY B 75 -15.72 -4.25 38.48
C GLY B 75 -14.90 -4.48 37.21
N ARG B 76 -14.87 -3.49 36.33
CA ARG B 76 -14.12 -3.64 35.09
C ARG B 76 -12.62 -3.46 35.29
N CYS B 77 -12.22 -2.66 36.29
CA CYS B 77 -10.81 -2.59 36.64
C CYS B 77 -10.32 -3.93 37.18
N GLU B 78 -11.15 -4.62 37.97
CA GLU B 78 -10.78 -5.95 38.44
C GLU B 78 -10.72 -6.94 37.29
N ALA B 79 -11.69 -6.87 36.38
CA ALA B 79 -11.63 -7.72 35.18
C ALA B 79 -10.38 -7.41 34.37
N PHE B 80 -10.04 -6.13 34.25
CA PHE B 80 -8.84 -5.73 33.52
C PHE B 80 -7.59 -6.37 34.13
N GLU B 81 -7.45 -6.29 35.45
CA GLU B 81 -6.28 -6.86 36.11
C GLU B 81 -6.26 -8.38 35.98
N GLN B 82 -7.41 -9.03 36.21
CA GLN B 82 -7.45 -10.49 36.12
C GLN B 82 -7.14 -10.95 34.70
N ALA B 83 -7.75 -10.31 33.70
CA ALA B 83 -7.49 -10.69 32.31
C ALA B 83 -6.00 -10.58 31.98
N ALA B 84 -5.33 -9.57 32.53
CA ALA B 84 -3.90 -9.41 32.29
C ALA B 84 -3.09 -10.46 33.05
N LYS B 85 -3.35 -10.58 34.35
CA LYS B 85 -2.61 -11.54 35.16
C LYS B 85 -2.82 -12.97 34.66
N GLY B 86 -4.06 -13.33 34.39
CA GLY B 86 -4.37 -14.65 33.88
C GLY B 86 -4.13 -14.85 32.40
N GLU B 87 -3.72 -13.79 31.69
CA GLU B 87 -3.54 -13.84 30.24
C GLU B 87 -4.74 -14.51 29.58
N LEU B 88 -5.89 -13.86 29.73
CA LEU B 88 -7.16 -14.38 29.25
C LEU B 88 -7.51 -13.91 27.85
N GLN B 89 -6.50 -13.64 27.02
CA GLN B 89 -6.77 -13.19 25.65
C GLN B 89 -7.47 -14.27 24.85
N SER B 90 -8.26 -13.83 23.87
CA SER B 90 -8.72 -14.73 22.83
C SER B 90 -7.57 -15.01 21.86
N ILE B 91 -7.80 -15.95 20.94
CA ILE B 91 -6.81 -16.26 19.91
C ILE B 91 -6.96 -15.23 18.80
N ASP B 92 -5.87 -14.54 18.48
CA ASP B 92 -5.86 -13.49 17.46
C ASP B 92 -4.45 -13.48 16.84
N LEU B 93 -4.26 -14.31 15.82
CA LEU B 93 -2.93 -14.59 15.28
C LEU B 93 -2.83 -14.11 13.84
N ARG B 94 -1.66 -13.58 13.49
CA ARG B 94 -1.27 -13.31 12.11
C ARG B 94 -0.18 -14.32 11.76
N LEU B 95 -0.50 -15.24 10.86
CA LEU B 95 0.36 -16.37 10.55
C LEU B 95 0.99 -16.22 9.17
N GLY B 96 2.14 -16.87 9.00
CA GLY B 96 2.79 -16.93 7.71
C GLY B 96 3.27 -18.33 7.42
N ALA B 97 3.29 -18.66 6.12
CA ALA B 97 3.71 -19.98 5.69
C ALA B 97 4.30 -19.89 4.29
N THR B 98 5.33 -20.69 4.05
CA THR B 98 5.96 -20.73 2.73
C THR B 98 5.15 -21.61 1.79
N LEU B 99 5.56 -21.61 0.51
CA LEU B 99 4.71 -22.16 -0.54
C LEU B 99 4.37 -23.63 -0.28
N THR B 100 5.38 -24.50 -0.25
CA THR B 100 5.10 -25.92 -0.11
C THR B 100 4.31 -26.22 1.17
N ILE B 101 4.65 -25.52 2.26
CA ILE B 101 3.91 -25.70 3.51
C ILE B 101 2.47 -25.27 3.32
N SER B 102 2.26 -24.10 2.70
CA SER B 102 0.90 -23.59 2.51
C SER B 102 0.08 -24.54 1.64
N ASP B 103 0.70 -25.15 0.64
CA ASP B 103 -0.05 -25.95 -0.31
C ASP B 103 -0.47 -27.29 0.28
N TYR B 104 0.41 -27.94 1.04
CA TYR B 104 0.20 -29.33 1.42
C TYR B 104 0.04 -29.59 2.91
N LEU B 105 0.34 -28.62 3.77
CA LEU B 105 0.20 -28.80 5.21
C LEU B 105 -0.77 -27.82 5.85
N ILE B 106 -0.83 -26.58 5.38
CA ILE B 106 -1.66 -25.57 6.03
C ILE B 106 -3.14 -25.96 6.03
N PRO B 107 -3.73 -26.37 4.91
CA PRO B 107 -5.19 -26.57 4.90
C PRO B 107 -5.70 -27.48 6.01
N ASP B 108 -5.13 -28.68 6.15
CA ASP B 108 -5.59 -29.61 7.17
C ASP B 108 -5.20 -29.15 8.56
N LEU B 109 -3.99 -28.58 8.70
CA LEU B 109 -3.54 -28.12 10.00
C LEU B 109 -4.47 -27.04 10.56
N MET B 110 -4.78 -26.03 9.75
CA MET B 110 -5.64 -24.95 10.22
C MET B 110 -7.09 -25.43 10.39
N ALA B 111 -7.55 -26.32 9.51
CA ALA B 111 -8.88 -26.88 9.67
C ALA B 111 -8.99 -27.65 10.99
N ASP B 112 -7.99 -28.47 11.30
CA ASP B 112 -8.02 -29.23 12.55
C ASP B 112 -7.86 -28.33 13.76
N PHE B 113 -7.07 -27.26 13.64
CA PHE B 113 -6.95 -26.32 14.75
C PHE B 113 -8.28 -25.63 15.02
N LEU B 114 -8.98 -25.22 13.97
CA LEU B 114 -10.24 -24.52 14.14
C LEU B 114 -11.36 -25.43 14.64
N GLN B 115 -11.21 -26.75 14.49
CA GLN B 115 -12.19 -27.66 15.10
C GLN B 115 -12.16 -27.55 16.61
N ILE B 116 -10.97 -27.39 17.19
CA ILE B 116 -10.85 -27.29 18.64
C ILE B 116 -11.19 -25.87 19.10
N HIS B 117 -10.78 -24.86 18.33
CA HIS B 117 -11.01 -23.46 18.65
C HIS B 117 -11.75 -22.80 17.50
N PRO B 118 -13.04 -23.11 17.33
CA PRO B 118 -13.79 -22.58 16.18
C PRO B 118 -13.97 -21.08 16.19
N GLN B 119 -13.71 -20.40 17.31
CA GLN B 119 -13.89 -18.97 17.42
C GLN B 119 -12.58 -18.20 17.36
N ALA B 120 -11.48 -18.85 17.01
CA ALA B 120 -10.20 -18.17 16.91
C ALA B 120 -10.19 -17.19 15.75
N HIS B 121 -9.55 -16.05 15.95
CA HIS B 121 -9.26 -15.11 14.87
C HIS B 121 -7.91 -15.45 14.29
N LEU B 122 -7.88 -15.71 12.98
CA LEU B 122 -6.63 -16.06 12.31
C LEU B 122 -6.53 -15.33 10.98
N GLN B 123 -5.32 -14.86 10.68
CA GLN B 123 -4.98 -14.34 9.37
C GLN B 123 -3.78 -15.12 8.85
N LEU B 124 -3.78 -15.44 7.56
CA LEU B 124 -2.69 -16.20 6.95
C LEU B 124 -2.18 -15.47 5.72
N GLN B 125 -0.88 -15.23 5.71
CA GLN B 125 -0.16 -14.64 4.58
C GLN B 125 0.79 -15.68 4.03
N VAL B 126 0.94 -15.72 2.71
CA VAL B 126 1.76 -16.72 2.03
C VAL B 126 2.83 -16.02 1.20
N GLY B 127 4.03 -16.56 1.25
CA GLY B 127 5.15 -15.96 0.54
C GLY B 127 6.39 -16.80 0.67
N ASN B 128 7.52 -16.19 0.34
CA ASN B 128 8.81 -16.89 0.38
C ASN B 128 9.44 -16.76 1.76
N THR B 129 10.39 -17.66 2.04
CA THR B 129 11.10 -17.63 3.31
C THR B 129 11.69 -16.26 3.57
N ARG B 130 12.38 -15.68 2.58
CA ARG B 130 12.91 -14.34 2.73
C ARG B 130 11.80 -13.34 3.03
N GLN B 131 10.66 -13.46 2.34
CA GLN B 131 9.54 -12.58 2.64
C GLN B 131 9.01 -12.82 4.05
N MET B 132 9.06 -14.05 4.54
CA MET B 132 8.55 -14.35 5.87
C MET B 132 9.49 -13.85 6.96
N ILE B 133 10.80 -14.01 6.76
CA ILE B 133 11.75 -13.51 7.75
C ILE B 133 11.59 -12.00 7.92
N GLU B 134 11.45 -11.27 6.81
CA GLU B 134 11.26 -9.83 6.90
C GLU B 134 9.97 -9.49 7.64
N ALA B 135 8.88 -10.22 7.34
CA ALA B 135 7.61 -9.98 8.02
C ALA B 135 7.75 -10.22 9.52
N VAL B 136 8.38 -11.33 9.90
CA VAL B 136 8.57 -11.63 11.31
C VAL B 136 9.53 -10.63 11.95
N ASN B 137 10.53 -10.17 11.20
CA ASN B 137 11.50 -9.24 11.76
C ASN B 137 10.89 -7.86 11.99
N GLN B 138 9.88 -7.50 11.21
CA GLN B 138 9.20 -6.22 11.33
C GLN B 138 8.04 -6.27 12.32
N PHE B 139 7.85 -7.38 13.02
CA PHE B 139 6.72 -7.58 13.92
C PHE B 139 5.38 -7.52 13.19
N GLN B 140 5.37 -7.96 11.92
CA GLN B 140 4.13 -8.02 11.15
C GLN B 140 3.46 -9.38 11.22
N LEU B 141 4.16 -10.40 11.69
CA LEU B 141 3.61 -11.74 11.87
C LEU B 141 3.94 -12.23 13.27
N ASP B 142 3.00 -12.97 13.87
CA ASP B 142 3.27 -13.59 15.16
C ASP B 142 4.06 -14.88 15.00
N LEU B 143 3.86 -15.59 13.89
CA LEU B 143 4.50 -16.87 13.66
C LEU B 143 4.61 -17.10 12.15
N ALA B 144 5.70 -17.73 11.74
CA ALA B 144 5.90 -18.10 10.34
C ALA B 144 6.37 -19.55 10.28
N LEU B 145 5.74 -20.34 9.42
CA LEU B 145 6.14 -21.72 9.15
C LEU B 145 6.93 -21.70 7.85
N ILE B 146 8.24 -21.80 7.95
CA ILE B 146 9.13 -21.60 6.81
C ILE B 146 9.79 -22.92 6.43
N GLU B 147 10.25 -22.97 5.19
CA GLU B 147 10.96 -24.12 4.64
C GLU B 147 12.32 -23.69 4.09
N GLY B 148 13.00 -22.81 4.81
CA GLY B 148 14.26 -22.29 4.34
C GLY B 148 15.18 -21.96 5.49
N SER B 149 16.36 -21.46 5.14
CA SER B 149 17.36 -21.19 6.19
C SER B 149 16.89 -20.01 7.03
N CYS B 150 17.42 -19.96 8.26
CA CYS B 150 17.10 -18.86 9.16
C CYS B 150 18.35 -18.62 10.01
N HIS B 151 19.16 -17.66 9.62
CA HIS B 151 20.45 -17.38 10.27
C HIS B 151 20.43 -16.08 11.07
N LEU B 152 19.31 -15.78 11.73
CA LEU B 152 19.14 -14.47 12.35
C LEU B 152 19.19 -14.59 13.87
N PRO B 153 20.04 -13.78 14.54
CA PRO B 153 20.14 -13.90 16.00
C PRO B 153 18.94 -13.33 16.74
N GLN B 154 18.26 -12.32 16.18
CA GLN B 154 17.12 -11.75 16.87
C GLN B 154 15.85 -12.58 16.67
N LEU B 155 15.82 -13.43 15.65
CA LEU B 155 14.72 -14.36 15.45
C LEU B 155 15.05 -15.69 16.12
N GLN B 156 14.01 -16.40 16.54
CA GLN B 156 14.14 -17.73 17.12
C GLN B 156 13.61 -18.74 16.13
N CYS B 157 14.48 -19.63 15.66
CA CYS B 157 14.11 -20.65 14.69
C CYS B 157 13.99 -21.98 15.41
N ILE B 158 12.74 -22.40 15.64
CA ILE B 158 12.45 -23.68 16.30
C ILE B 158 12.23 -24.73 15.22
N HIS B 159 12.87 -25.89 15.40
CA HIS B 159 12.70 -26.98 14.44
C HIS B 159 11.33 -27.62 14.61
N TRP B 160 10.58 -27.70 13.51
CA TRP B 160 9.26 -28.29 13.50
C TRP B 160 9.31 -29.77 13.10
N ARG B 161 9.72 -30.03 11.86
CA ARG B 161 9.84 -31.39 11.35
C ARG B 161 10.82 -31.37 10.18
N ASN B 162 10.91 -32.48 9.46
CA ASN B 162 11.75 -32.59 8.28
C ASN B 162 10.88 -32.75 7.04
N ASP B 163 11.39 -32.22 5.92
CA ASP B 163 10.74 -32.34 4.62
C ASP B 163 11.69 -33.06 3.68
N GLU B 164 11.21 -34.11 3.04
CA GLU B 164 12.03 -34.90 2.13
C GLU B 164 11.75 -34.46 0.70
N LEU B 165 12.77 -33.93 0.04
CA LEU B 165 12.70 -33.60 -1.38
C LEU B 165 13.19 -34.77 -2.21
N ALA B 166 12.86 -34.74 -3.51
CA ALA B 166 13.24 -35.81 -4.40
C ALA B 166 13.38 -35.27 -5.82
N VAL B 167 14.20 -35.96 -6.61
CA VAL B 167 14.33 -35.66 -8.03
C VAL B 167 13.29 -36.50 -8.78
N CYS B 168 12.44 -35.83 -9.57
CA CYS B 168 11.37 -36.50 -10.28
C CYS B 168 11.45 -36.16 -11.76
N CYS B 169 10.90 -37.07 -12.58
CA CYS B 169 10.90 -36.90 -14.03
C CYS B 169 9.71 -37.67 -14.59
N ALA B 170 9.40 -37.38 -15.85
CA ALA B 170 8.37 -38.16 -16.53
C ALA B 170 8.82 -39.62 -16.61
N PRO B 171 7.88 -40.56 -16.55
CA PRO B 171 8.28 -41.98 -16.43
C PRO B 171 9.17 -42.48 -17.54
N ASP B 172 9.22 -41.80 -18.70
CA ASP B 172 9.99 -42.24 -19.84
C ASP B 172 11.23 -41.39 -20.08
N HIS B 173 11.68 -40.64 -19.07
CA HIS B 173 12.93 -39.91 -19.21
C HIS B 173 14.07 -40.90 -19.46
N PRO B 174 15.01 -40.58 -20.36
CA PRO B 174 16.11 -41.52 -20.61
C PRO B 174 16.80 -42.00 -19.34
N LEU B 175 16.93 -41.14 -18.34
CA LEU B 175 17.55 -41.56 -17.09
C LEU B 175 16.66 -42.52 -16.31
N ALA B 176 15.34 -42.43 -16.49
CA ALA B 176 14.44 -43.36 -15.83
C ALA B 176 14.51 -44.76 -16.42
N LYS B 177 15.09 -44.92 -17.61
CA LYS B 177 15.14 -46.20 -18.30
C LYS B 177 16.49 -46.91 -18.15
N LEU B 178 17.44 -46.32 -17.44
CA LEU B 178 18.71 -46.98 -17.22
C LEU B 178 18.55 -48.17 -16.29
N GLY B 179 19.39 -49.18 -16.50
CA GLY B 179 19.35 -50.37 -15.67
C GLY B 179 20.08 -50.17 -14.36
N ARG B 180 21.39 -49.95 -14.44
CA ARG B 180 22.25 -49.75 -13.28
C ARG B 180 21.73 -48.65 -12.37
N PRO B 181 22.12 -48.65 -11.08
CA PRO B 181 21.89 -47.46 -10.25
C PRO B 181 22.49 -46.22 -10.88
N LEU B 182 21.92 -45.07 -10.56
CA LEU B 182 22.37 -43.80 -11.11
C LEU B 182 23.55 -43.25 -10.31
N THR B 183 24.28 -42.34 -10.94
CA THR B 183 25.31 -41.55 -10.28
C THR B 183 25.04 -40.07 -10.56
N ALA B 184 25.71 -39.21 -9.81
CA ALA B 184 25.55 -37.77 -10.03
C ALA B 184 26.01 -37.36 -11.42
N GLN B 185 26.99 -38.07 -11.98
CA GLN B 185 27.49 -37.72 -13.30
C GLN B 185 26.42 -37.85 -14.37
N ASP B 186 25.47 -38.77 -14.18
CA ASP B 186 24.40 -38.95 -15.15
C ASP B 186 23.54 -37.71 -15.31
N PHE B 187 23.54 -36.81 -14.33
CA PHE B 187 22.66 -35.65 -14.31
C PHE B 187 23.31 -34.39 -14.86
N LEU B 188 24.51 -34.50 -15.44
CA LEU B 188 25.24 -33.29 -15.82
C LEU B 188 24.44 -32.42 -16.78
N ASN B 189 23.79 -33.03 -17.77
CA ASN B 189 23.14 -32.30 -18.85
C ASN B 189 21.62 -32.35 -18.73
N VAL B 190 21.09 -32.56 -17.52
CA VAL B 190 19.64 -32.57 -17.33
C VAL B 190 19.10 -31.14 -17.41
N GLU B 191 17.89 -31.02 -17.92
CA GLU B 191 17.18 -29.74 -17.97
C GLU B 191 16.38 -29.58 -16.68
N TRP B 192 16.80 -28.66 -15.82
CA TRP B 192 16.22 -28.51 -14.50
C TRP B 192 15.11 -27.47 -14.51
N ILE B 193 13.94 -27.86 -14.01
CA ILE B 193 12.79 -26.98 -13.83
C ILE B 193 12.71 -26.71 -12.32
N LEU B 194 13.06 -25.50 -11.91
CA LEU B 194 13.32 -25.23 -10.50
C LEU B 194 12.48 -24.07 -9.98
N ARG B 195 12.36 -24.02 -8.66
CA ARG B 195 11.77 -22.89 -7.97
C ARG B 195 12.74 -21.70 -7.99
N GLU B 196 12.23 -20.54 -7.60
CA GLU B 196 12.97 -19.30 -7.79
C GLU B 196 14.12 -19.18 -6.79
N GLU B 197 15.09 -18.35 -7.15
CA GLU B 197 16.15 -17.96 -6.22
C GLU B 197 15.53 -17.24 -5.02
N GLY B 198 15.78 -17.76 -3.83
CA GLY B 198 15.21 -17.23 -2.61
C GLY B 198 14.23 -18.15 -1.94
N SER B 199 13.76 -19.19 -2.64
CA SER B 199 12.94 -20.20 -2.00
C SER B 199 13.84 -21.23 -1.31
N GLY B 200 13.27 -21.91 -0.32
CA GLY B 200 14.01 -22.96 0.37
C GLY B 200 14.18 -24.19 -0.49
N THR B 201 13.20 -24.48 -1.36
CA THR B 201 13.33 -25.62 -2.27
C THR B 201 14.52 -25.41 -3.21
N ARG B 202 14.66 -24.20 -3.77
CA ARG B 202 15.84 -23.90 -4.57
C ARG B 202 17.10 -23.95 -3.72
N GLU B 203 16.98 -23.69 -2.42
CA GLU B 203 18.14 -23.78 -1.53
C GLU B 203 18.66 -25.20 -1.45
N VAL B 204 17.75 -26.19 -1.38
CA VAL B 204 18.18 -27.58 -1.35
C VAL B 204 18.95 -27.93 -2.62
N PHE B 205 18.41 -27.58 -3.78
CA PHE B 205 19.09 -27.87 -5.03
C PHE B 205 20.47 -27.22 -5.07
N ASP B 206 20.52 -25.91 -4.80
CA ASP B 206 21.80 -25.20 -4.84
C ASP B 206 22.79 -25.77 -3.83
N ASN B 207 22.31 -26.28 -2.70
CA ASN B 207 23.21 -26.75 -1.65
C ASN B 207 23.75 -28.14 -1.95
N ALA B 208 22.90 -29.04 -2.46
CA ALA B 208 23.27 -30.44 -2.67
C ALA B 208 23.71 -30.72 -4.10
N ILE B 209 22.85 -30.44 -5.07
CA ILE B 209 23.06 -30.94 -6.42
C ILE B 209 24.07 -30.11 -7.19
N LEU B 210 24.13 -28.80 -6.94
CA LEU B 210 24.99 -27.93 -7.75
C LEU B 210 26.47 -28.23 -7.53
N GLN B 211 26.83 -28.76 -6.36
CA GLN B 211 28.23 -29.13 -6.11
C GLN B 211 28.72 -30.15 -7.13
N ASP B 212 27.81 -30.95 -7.69
CA ASP B 212 28.18 -31.97 -8.66
C ASP B 212 27.83 -31.61 -10.09
N VAL B 213 26.94 -30.64 -10.30
CA VAL B 213 26.57 -30.17 -11.63
C VAL B 213 26.82 -28.67 -11.66
N PRO B 214 28.07 -28.22 -11.80
CA PRO B 214 28.37 -26.80 -11.53
C PRO B 214 27.67 -25.85 -12.48
N ASP B 215 27.60 -26.19 -13.76
CA ASP B 215 26.94 -25.35 -14.77
C ASP B 215 25.57 -25.90 -15.13
N ALA B 216 24.80 -26.32 -14.12
CA ALA B 216 23.53 -26.98 -14.35
C ALA B 216 22.63 -26.15 -15.24
N ASN B 217 22.00 -26.81 -16.22
CA ASN B 217 21.09 -26.17 -17.15
C ASN B 217 19.78 -25.87 -16.44
N ILE B 218 19.63 -24.65 -15.93
CA ILE B 218 18.38 -24.21 -15.33
C ILE B 218 17.42 -23.86 -16.45
N ARG B 219 16.72 -24.87 -16.96
CA ARG B 219 15.87 -24.65 -18.14
C ARG B 219 14.72 -23.70 -17.84
N LEU B 220 14.13 -23.79 -16.66
CA LEU B 220 13.02 -22.94 -16.28
C LEU B 220 13.09 -22.62 -14.81
N THR B 221 12.62 -21.43 -14.45
CA THR B 221 12.54 -20.98 -13.06
C THR B 221 11.11 -20.51 -12.82
N LEU B 222 10.35 -21.27 -12.03
CA LEU B 222 8.94 -21.00 -11.79
C LEU B 222 8.67 -20.98 -10.30
N GLY B 223 7.89 -19.99 -9.86
CA GLY B 223 7.54 -19.87 -8.46
C GLY B 223 6.25 -20.57 -8.10
N HIS B 224 6.01 -21.72 -8.72
CA HIS B 224 4.76 -22.46 -8.53
C HIS B 224 5.06 -23.95 -8.61
N ASN B 225 4.75 -24.68 -7.55
CA ASN B 225 5.08 -26.10 -7.50
C ASN B 225 4.32 -26.89 -8.56
N GLU B 226 3.00 -26.65 -8.67
CA GLU B 226 2.20 -27.42 -9.60
C GLU B 226 2.58 -27.15 -11.04
N ALA B 227 2.87 -25.90 -11.39
CA ALA B 227 3.34 -25.59 -12.73
C ALA B 227 4.60 -26.38 -13.06
N ILE B 228 5.52 -26.49 -12.09
CA ILE B 228 6.74 -27.26 -12.31
C ILE B 228 6.40 -28.71 -12.61
N LEU B 229 5.59 -29.33 -11.74
CA LEU B 229 5.28 -30.75 -11.91
C LEU B 229 4.53 -31.00 -13.21
N LYS B 230 3.61 -30.11 -13.57
CA LYS B 230 2.88 -30.26 -14.83
C LYS B 230 3.84 -30.27 -16.01
N ILE B 231 4.85 -29.40 -15.99
CA ILE B 231 5.78 -29.31 -17.10
C ILE B 231 6.73 -30.49 -17.11
N VAL B 232 7.14 -30.95 -15.93
CA VAL B 232 8.02 -32.12 -15.86
C VAL B 232 7.29 -33.36 -16.34
N ALA B 233 6.07 -33.57 -15.84
CA ALA B 233 5.28 -34.71 -16.31
C ALA B 233 5.00 -34.61 -17.81
N GLY B 234 4.89 -33.39 -18.33
CA GLY B 234 4.68 -33.21 -19.75
C GLY B 234 5.86 -33.60 -20.61
N GLY B 235 6.99 -33.93 -20.01
CA GLY B 235 8.14 -34.45 -20.73
C GLY B 235 9.36 -33.55 -20.74
N LEU B 236 9.32 -32.39 -20.08
CA LEU B 236 10.43 -31.44 -20.10
C LEU B 236 11.18 -31.49 -18.78
N GLY B 237 12.29 -32.24 -18.76
CA GLY B 237 13.28 -32.08 -17.72
C GLY B 237 12.93 -32.73 -16.40
N MET B 238 13.56 -32.21 -15.35
CA MET B 238 13.44 -32.75 -14.00
C MET B 238 13.29 -31.59 -13.01
N SER B 239 12.90 -31.93 -11.79
CA SER B 239 12.84 -30.97 -10.70
C SER B 239 13.24 -31.67 -9.40
N CYS B 240 13.69 -30.86 -8.44
CA CYS B 240 13.97 -31.31 -7.09
C CYS B 240 12.94 -30.64 -6.19
N ILE B 241 11.98 -31.42 -5.70
CA ILE B 241 10.78 -30.87 -5.08
C ILE B 241 10.30 -31.83 -3.98
N SER B 242 9.49 -31.30 -3.08
CA SER B 242 9.03 -32.06 -1.92
C SER B 242 8.24 -33.29 -2.36
N ARG B 243 8.47 -34.41 -1.68
CA ARG B 243 7.70 -35.62 -1.94
C ARG B 243 6.22 -35.43 -1.65
N LEU B 244 5.87 -34.45 -0.82
CA LEU B 244 4.45 -34.12 -0.62
C LEU B 244 3.80 -33.70 -1.93
N ALA B 245 4.53 -32.96 -2.76
CA ALA B 245 3.99 -32.51 -4.03
C ALA B 245 4.04 -33.60 -5.10
N ILE B 246 5.04 -34.47 -5.04
CA ILE B 246 5.23 -35.47 -6.09
C ILE B 246 4.24 -36.61 -5.94
N GLU B 247 4.03 -37.08 -4.70
CA GLU B 247 3.39 -38.38 -4.48
C GLU B 247 2.08 -38.55 -5.23
N PRO B 248 1.10 -37.64 -5.13
CA PRO B 248 -0.15 -37.86 -5.89
C PRO B 248 0.06 -38.04 -7.37
N LEU B 249 1.15 -37.48 -7.93
CA LEU B 249 1.45 -37.70 -9.34
C LEU B 249 2.12 -39.06 -9.56
N ILE B 250 2.92 -39.54 -8.60
CA ILE B 250 3.45 -40.89 -8.69
C ILE B 250 2.30 -41.89 -8.70
N GLU B 251 1.33 -41.71 -7.80
CA GLU B 251 0.19 -42.61 -7.72
C GLU B 251 -0.55 -42.67 -9.05
N LYS B 252 -0.58 -41.56 -9.79
CA LYS B 252 -1.25 -41.49 -11.08
C LYS B 252 -0.33 -41.84 -12.24
N GLY B 253 0.89 -42.28 -11.97
CA GLY B 253 1.79 -42.69 -13.03
C GLY B 253 2.29 -41.57 -13.92
N GLN B 254 2.26 -40.33 -13.44
CA GLN B 254 2.71 -39.19 -14.22
C GLN B 254 4.14 -38.79 -13.91
N LEU B 255 4.65 -39.14 -12.74
CA LEU B 255 6.04 -38.87 -12.37
C LEU B 255 6.63 -40.11 -11.71
N VAL B 256 7.94 -40.25 -11.85
CA VAL B 256 8.71 -41.25 -11.13
C VAL B 256 9.80 -40.54 -10.34
N ILE B 257 10.23 -41.15 -9.26
CA ILE B 257 11.33 -40.63 -8.44
C ILE B 257 12.59 -41.40 -8.77
N LEU B 258 13.65 -40.67 -9.11
CA LEU B 258 14.95 -41.27 -9.37
C LEU B 258 15.74 -41.34 -8.07
N GLU B 259 16.33 -42.51 -7.79
CA GLU B 259 17.11 -42.69 -6.58
C GLU B 259 18.42 -41.91 -6.67
N THR B 260 18.63 -40.98 -5.74
CA THR B 260 19.84 -40.17 -5.67
C THR B 260 20.36 -40.19 -4.24
N PRO B 261 20.87 -41.34 -3.78
CA PRO B 261 21.41 -41.41 -2.41
C PRO B 261 22.71 -40.63 -2.24
N PHE B 262 23.39 -40.28 -3.33
CA PHE B 262 24.58 -39.45 -3.28
C PHE B 262 24.27 -37.98 -3.01
N TRP B 263 22.99 -37.64 -2.84
CA TRP B 263 22.56 -36.27 -2.57
C TRP B 263 21.66 -36.29 -1.34
N GLU B 264 21.95 -35.42 -0.38
CA GLU B 264 21.12 -35.27 0.81
C GLU B 264 20.00 -34.29 0.49
N LEU B 265 18.79 -34.79 0.33
CA LEU B 265 17.63 -33.98 -0.04
C LEU B 265 16.65 -33.81 1.11
N THR B 266 17.12 -33.94 2.35
CA THR B 266 16.30 -33.65 3.52
C THR B 266 16.45 -32.18 3.89
N ARG B 267 15.32 -31.54 4.21
CA ARG B 267 15.29 -30.14 4.57
C ARG B 267 14.53 -29.96 5.87
N PRO B 268 15.00 -29.08 6.76
CA PRO B 268 14.22 -28.78 7.98
C PRO B 268 13.11 -27.77 7.72
N LEU B 269 12.00 -27.98 8.43
CA LEU B 269 10.93 -27.01 8.51
C LEU B 269 10.97 -26.37 9.90
N HIS B 270 10.74 -25.06 9.95
CA HIS B 270 10.96 -24.30 11.16
C HIS B 270 9.73 -23.46 11.52
N LEU B 271 9.49 -23.34 12.83
CA LEU B 271 8.60 -22.31 13.36
C LEU B 271 9.44 -21.09 13.69
N LEU B 272 9.06 -19.93 13.18
CA LEU B 272 9.88 -18.72 13.22
C LEU B 272 9.13 -17.63 13.95
N VAL B 273 9.68 -17.17 15.08
CA VAL B 273 9.11 -16.09 15.87
C VAL B 273 10.23 -15.10 16.19
N HIS B 274 9.83 -13.92 16.65
CA HIS B 274 10.77 -12.89 17.04
C HIS B 274 11.06 -13.00 18.53
N ARG B 275 12.35 -13.07 18.87
CA ARG B 275 12.74 -13.31 20.26
C ARG B 275 12.28 -12.21 21.20
N GLN B 276 11.99 -11.02 20.68
CA GLN B 276 11.59 -9.88 21.49
C GLN B 276 10.09 -9.63 21.49
N LYS B 277 9.31 -10.48 20.83
CA LYS B 277 7.87 -10.30 20.72
C LYS B 277 7.16 -11.11 21.79
N TYR B 278 6.29 -10.45 22.55
CA TYR B 278 5.50 -11.13 23.55
C TYR B 278 4.68 -12.24 22.89
N GLN B 279 4.60 -13.39 23.57
CA GLN B 279 3.87 -14.56 23.08
C GLN B 279 2.64 -14.76 23.95
N GLY B 280 1.46 -14.56 23.37
CA GLY B 280 0.23 -14.75 24.09
C GLY B 280 -0.17 -16.21 24.14
N PRO B 281 -1.24 -16.49 24.88
CA PRO B 281 -1.70 -17.88 24.99
C PRO B 281 -2.16 -18.47 23.66
N GLY B 282 -2.72 -17.66 22.78
CA GLY B 282 -3.13 -18.17 21.48
C GLY B 282 -1.96 -18.63 20.64
N LEU B 283 -0.89 -17.84 20.61
CA LEU B 283 0.31 -18.24 19.88
C LEU B 283 0.89 -19.52 20.46
N LYS B 284 0.93 -19.63 21.80
CA LYS B 284 1.49 -20.82 22.42
C LYS B 284 0.63 -22.04 22.14
N ALA B 285 -0.69 -21.88 22.05
CA ALA B 285 -1.55 -23.00 21.71
C ALA B 285 -1.31 -23.46 20.28
N PHE B 286 -1.19 -22.52 19.34
CA PHE B 286 -0.97 -22.90 17.95
C PHE B 286 0.41 -23.52 17.76
N MET B 287 1.43 -22.98 18.43
CA MET B 287 2.77 -23.55 18.30
C MET B 287 2.83 -24.96 18.87
N ASN B 288 2.23 -25.19 20.04
CA ASN B 288 2.16 -26.54 20.57
C ASN B 288 1.37 -27.46 19.65
N PHE B 289 0.28 -26.95 19.08
CA PHE B 289 -0.51 -27.74 18.15
C PHE B 289 0.33 -28.19 16.97
N CYS B 290 1.10 -27.27 16.38
CA CYS B 290 1.98 -27.62 15.27
C CYS B 290 3.00 -28.68 15.70
N GLU B 291 3.61 -28.48 16.87
CA GLU B 291 4.61 -29.44 17.35
C GLU B 291 4.01 -30.84 17.51
N ASN B 292 2.75 -30.91 17.95
CA ASN B 292 2.07 -32.15 18.22
CA ASN B 292 2.10 -32.18 18.21
C ASN B 292 1.46 -32.80 16.97
N ARG B 293 1.73 -32.25 15.79
CA ARG B 293 1.20 -32.82 14.56
C ARG B 293 1.98 -34.07 14.18
N VAL B 294 1.27 -35.08 13.67
CA VAL B 294 1.90 -36.30 13.18
C VAL B 294 2.77 -35.95 11.97
N ASN B 295 3.59 -36.90 11.53
CA ASN B 295 4.40 -36.71 10.33
C ASN B 295 4.17 -37.85 9.36
N MET C 1 -5.91 -3.42 44.50
CA MET C 1 -5.79 -2.67 43.21
C MET C 1 -4.62 -1.70 43.27
N ARG C 2 -3.56 -1.98 42.50
CA ARG C 2 -2.43 -1.07 42.40
C ARG C 2 -2.47 -0.22 41.13
N MET C 3 -3.24 -0.60 40.12
CA MET C 3 -3.29 0.17 38.89
C MET C 3 -4.20 1.38 39.07
N THR C 4 -3.88 2.45 38.35
CA THR C 4 -4.53 3.74 38.51
C THR C 4 -5.09 4.22 37.17
N LEU C 5 -6.03 5.15 37.25
CA LEU C 5 -6.54 5.78 36.03
C LEU C 5 -5.44 6.49 35.28
N ARG C 6 -4.49 7.09 36.02
CA ARG C 6 -3.34 7.72 35.37
CA ARG C 6 -3.34 7.73 35.36
C ARG C 6 -2.58 6.73 34.51
N GLN C 7 -2.35 5.52 35.03
CA GLN C 7 -1.64 4.51 34.26
C GLN C 7 -2.45 4.06 33.05
N LEU C 8 -3.76 3.85 33.23
CA LEU C 8 -4.60 3.50 32.09
C LEU C 8 -4.55 4.58 31.02
N ALA C 9 -4.57 5.85 31.43
CA ALA C 9 -4.55 6.94 30.46
C ALA C 9 -3.23 6.97 29.70
N VAL C 10 -2.13 6.67 30.39
CA VAL C 10 -0.83 6.60 29.71
C VAL C 10 -0.84 5.45 28.71
N PHE C 11 -1.28 4.26 29.14
CA PHE C 11 -1.38 3.11 28.26
C PHE C 11 -2.15 3.45 26.99
N VAL C 12 -3.25 4.20 27.13
CA VAL C 12 -4.03 4.59 25.95
C VAL C 12 -3.25 5.57 25.09
N ALA C 13 -2.66 6.60 25.72
CA ALA C 13 -1.97 7.63 24.95
C ALA C 13 -0.78 7.06 24.19
N VAL C 14 -0.06 6.10 24.79
CA VAL C 14 1.04 5.46 24.08
C VAL C 14 0.51 4.72 22.85
N ALA C 15 -0.62 4.03 23.00
CA ALA C 15 -1.21 3.35 21.85
C ALA C 15 -1.61 4.34 20.76
N GLN C 16 -1.98 5.56 21.14
CA GLN C 16 -2.46 6.54 20.18
C GLN C 16 -1.35 7.41 19.61
N GLU C 17 -0.26 7.62 20.36
CA GLU C 17 0.82 8.49 19.92
C GLU C 17 2.04 7.74 19.41
N GLY C 18 2.29 6.53 19.92
CA GLY C 18 3.37 5.71 19.44
C GLY C 18 4.65 5.80 20.25
N THR C 19 4.83 6.88 21.02
CA THR C 19 6.00 7.03 21.87
C THR C 19 5.57 7.55 23.22
N VAL C 20 6.41 7.31 24.23
CA VAL C 20 6.12 7.82 25.57
C VAL C 20 6.15 9.34 25.59
N THR C 21 7.16 9.93 24.94
CA THR C 21 7.29 11.39 24.95
C THR C 21 6.03 12.05 24.42
N LYS C 22 5.51 11.57 23.29
CA LYS C 22 4.29 12.15 22.73
C LYS C 22 3.08 11.85 23.61
N ALA C 23 3.06 10.67 24.24
CA ALA C 23 1.98 10.37 25.19
C ALA C 23 2.00 11.31 26.38
N SER C 24 3.20 11.58 26.91
CA SER C 24 3.30 12.44 28.10
C SER C 24 2.73 13.82 27.83
N ASP C 25 2.92 14.35 26.61
CA ASP C 25 2.33 15.63 26.27
C ASP C 25 0.82 15.54 26.12
N ALA C 26 0.32 14.44 25.57
CA ALA C 26 -1.12 14.29 25.38
C ALA C 26 -1.85 14.22 26.72
N VAL C 27 -1.25 13.57 27.72
CA VAL C 27 -1.84 13.46 29.05
C VAL C 27 -1.25 14.49 30.01
N ARG C 28 -0.42 15.41 29.52
CA ARG C 28 0.13 16.50 30.32
C ARG C 28 0.80 15.98 31.58
N LEU C 29 1.66 14.98 31.38
CA LEU C 29 2.61 14.52 32.38
C LEU C 29 4.02 14.75 31.85
N THR C 30 4.98 14.75 32.76
CA THR C 30 6.37 14.76 32.34
C THR C 30 6.73 13.43 31.67
N GLN C 31 7.85 13.44 30.95
CA GLN C 31 8.36 12.20 30.38
C GLN C 31 8.55 11.14 31.47
N SER C 32 9.22 11.52 32.55
CA SER C 32 9.55 10.55 33.60
C SER C 32 8.28 9.98 34.23
N ALA C 33 7.35 10.85 34.64
CA ALA C 33 6.12 10.38 35.25
C ALA C 33 5.36 9.44 34.31
N ALA C 34 5.41 9.71 33.01
CA ALA C 34 4.71 8.87 32.04
C ALA C 34 5.38 7.51 31.90
N SER C 35 6.71 7.50 31.76
CA SER C 35 7.41 6.23 31.60
C SER C 35 7.31 5.38 32.85
N MET C 36 7.33 6.01 34.04
CA MET C 36 7.16 5.26 35.27
C MET C 36 5.74 4.75 35.41
N ALA C 37 4.75 5.49 34.90
CA ALA C 37 3.36 5.03 34.96
C ALA C 37 3.18 3.76 34.15
N LEU C 38 3.71 3.74 32.93
CA LEU C 38 3.57 2.55 32.08
C LEU C 38 4.35 1.38 32.65
N ALA C 39 5.58 1.61 33.12
CA ALA C 39 6.39 0.51 33.63
C ALA C 39 5.77 -0.12 34.86
N ASP C 40 5.20 0.70 35.75
CA ASP C 40 4.55 0.15 36.94
C ASP C 40 3.29 -0.62 36.57
N LEU C 41 2.50 -0.09 35.63
CA LEU C 41 1.34 -0.83 35.14
C LEU C 41 1.76 -2.18 34.61
N GLU C 42 2.76 -2.22 33.73
CA GLU C 42 3.23 -3.49 33.20
C GLU C 42 3.76 -4.39 34.31
N ASP C 43 4.47 -3.82 35.28
CA ASP C 43 5.00 -4.63 36.38
C ASP C 43 3.88 -5.29 37.17
N GLY C 44 2.84 -4.52 37.49
CA GLY C 44 1.74 -5.09 38.25
C GLY C 44 0.97 -6.14 37.46
N LEU C 45 0.77 -5.90 36.16
CA LEU C 45 0.06 -6.87 35.34
C LEU C 45 0.87 -8.14 35.10
N GLY C 46 2.18 -8.08 35.25
CA GLY C 46 3.02 -9.25 35.05
C GLY C 46 3.44 -9.51 33.63
N ALA C 47 3.32 -8.55 32.74
CA ALA C 47 3.70 -8.72 31.34
C ALA C 47 3.73 -7.34 30.69
N PRO C 48 4.51 -7.18 29.62
CA PRO C 48 4.49 -5.91 28.89
C PRO C 48 3.23 -5.77 28.06
N LEU C 49 2.88 -4.52 27.76
CA LEU C 49 1.73 -4.21 26.93
C LEU C 49 2.11 -3.79 25.52
N PHE C 50 3.39 -3.50 25.26
CA PHE C 50 3.85 -3.07 23.96
C PHE C 50 5.09 -3.84 23.56
N ASP C 51 5.20 -4.17 22.28
CA ASP C 51 6.44 -4.67 21.72
C ASP C 51 7.36 -3.51 21.36
N ARG C 52 8.65 -3.68 21.65
CA ARG C 52 9.63 -2.60 21.49
C ARG C 52 10.35 -2.74 20.15
N LEU C 53 10.20 -1.73 19.30
CA LEU C 53 10.87 -1.65 18.01
C LEU C 53 11.97 -0.60 18.03
N GLY C 54 12.64 -0.46 19.16
CA GLY C 54 13.63 0.59 19.34
C GLY C 54 13.12 1.63 20.32
N LYS C 55 12.72 2.79 19.81
CA LYS C 55 11.90 3.72 20.57
C LYS C 55 10.44 3.66 20.13
N ARG C 56 10.14 2.91 19.08
CA ARG C 56 8.76 2.65 18.68
C ARG C 56 8.12 1.66 19.65
N LEU C 57 6.86 1.91 20.00
CA LEU C 57 6.07 0.99 20.80
C LEU C 57 4.78 0.69 20.05
N GLN C 58 4.58 -0.58 19.72
CA GLN C 58 3.32 -1.04 19.12
C GLN C 58 2.70 -2.08 20.03
N LEU C 59 1.38 -1.97 20.21
CA LEU C 59 0.66 -2.90 21.08
C LEU C 59 1.03 -4.34 20.75
N ASN C 60 1.16 -5.15 21.78
CA ASN C 60 1.36 -6.59 21.62
C ASN C 60 0.03 -7.31 21.79
N ASP C 61 0.06 -8.63 21.70
CA ASP C 61 -1.16 -9.43 21.74
C ASP C 61 -2.02 -9.08 22.95
N LEU C 62 -1.40 -8.99 24.13
CA LEU C 62 -2.15 -8.64 25.33
C LEU C 62 -2.61 -7.19 25.30
N GLY C 63 -1.74 -6.29 24.83
CA GLY C 63 -2.13 -4.89 24.75
C GLY C 63 -3.33 -4.66 23.85
N ARG C 64 -3.34 -5.31 22.67
CA ARG C 64 -4.48 -5.19 21.77
C ARG C 64 -5.76 -5.64 22.44
N PHE C 65 -5.68 -6.70 23.26
CA PHE C 65 -6.87 -7.24 23.91
C PHE C 65 -7.36 -6.31 25.01
N LEU C 66 -6.43 -5.68 25.73
CA LEU C 66 -6.79 -4.85 26.88
C LEU C 66 -7.11 -3.41 26.52
N LEU C 67 -6.59 -2.90 25.40
CA LEU C 67 -6.82 -1.51 25.04
C LEU C 67 -8.29 -1.13 25.03
N PRO C 68 -9.19 -1.90 24.39
CA PRO C 68 -10.61 -1.52 24.45
C PRO C 68 -11.15 -1.42 25.87
N GLN C 69 -10.70 -2.32 26.75
CA GLN C 69 -11.17 -2.27 28.14
C GLN C 69 -10.69 -1.00 28.83
N ALA C 70 -9.44 -0.59 28.57
CA ALA C 70 -8.94 0.64 29.15
C ALA C 70 -9.74 1.85 28.67
N LEU C 71 -10.01 1.91 27.36
CA LEU C 71 -10.82 3.00 26.83
C LEU C 71 -12.19 3.05 27.50
N GLU C 72 -12.79 1.88 27.73
CA GLU C 72 -14.11 1.85 28.34
C GLU C 72 -14.06 2.30 29.80
N ILE C 73 -13.01 1.91 30.52
CA ILE C 73 -12.88 2.34 31.91
C ILE C 73 -12.75 3.86 31.99
N LEU C 74 -11.94 4.45 31.10
CA LEU C 74 -11.73 5.90 31.13
C LEU C 74 -13.00 6.64 30.69
N GLY C 75 -13.70 6.11 29.69
CA GLY C 75 -14.94 6.75 29.27
C GLY C 75 -15.99 6.75 30.36
N ARG C 76 -16.16 5.60 31.03
CA ARG C 76 -17.12 5.53 32.13
C ARG C 76 -16.75 6.50 33.25
N CYS C 77 -15.44 6.75 33.45
CA CYS C 77 -15.04 7.75 34.42
C CYS C 77 -15.41 9.15 33.95
N GLU C 78 -15.21 9.45 32.67
CA GLU C 78 -15.69 10.71 32.12
C GLU C 78 -17.19 10.86 32.32
N ALA C 79 -17.95 9.79 32.10
CA ALA C 79 -19.39 9.85 32.28
C ALA C 79 -19.74 10.02 33.75
N PHE C 80 -18.99 9.37 34.65
CA PHE C 80 -19.21 9.56 36.08
C PHE C 80 -18.99 11.01 36.48
N GLU C 81 -17.89 11.60 36.02
CA GLU C 81 -17.56 12.98 36.41
C GLU C 81 -18.62 13.96 35.93
N GLN C 82 -19.26 13.68 34.79
CA GLN C 82 -20.25 14.63 34.27
C GLN C 82 -21.64 14.39 34.84
N ALA C 83 -22.02 13.13 35.03
CA ALA C 83 -23.37 12.84 35.52
C ALA C 83 -23.61 13.47 36.89
N ALA C 84 -22.56 13.63 37.69
CA ALA C 84 -22.71 14.20 39.02
C ALA C 84 -22.70 15.72 38.98
N LYS C 85 -21.92 16.32 38.08
CA LYS C 85 -21.83 17.77 37.99
C LYS C 85 -22.88 18.36 37.05
N GLY C 86 -23.36 17.58 36.07
CA GLY C 86 -24.40 18.02 35.17
C GLY C 86 -23.90 18.52 33.83
N GLU C 87 -22.59 18.70 33.66
CA GLU C 87 -22.03 19.27 32.45
C GLU C 87 -20.85 18.43 31.97
N LEU C 88 -20.50 18.60 30.70
CA LEU C 88 -19.41 17.84 30.09
C LEU C 88 -18.07 18.37 30.59
N GLN C 89 -17.43 17.61 31.49
CA GLN C 89 -16.04 17.86 31.85
C GLN C 89 -15.18 17.93 30.60
N SER C 90 -14.62 16.80 30.16
CA SER C 90 -13.68 16.77 29.07
C SER C 90 -14.36 16.36 27.78
N ILE C 91 -14.17 17.17 26.73
CA ILE C 91 -14.30 16.71 25.34
C ILE C 91 -12.88 16.71 24.77
N ASP C 92 -12.42 15.55 24.34
CA ASP C 92 -11.03 15.37 23.93
C ASP C 92 -11.02 14.36 22.78
N LEU C 93 -11.09 14.89 21.55
CA LEU C 93 -11.37 14.08 20.38
C LEU C 93 -10.21 14.17 19.39
N ARG C 94 -9.80 13.01 18.88
CA ARG C 94 -8.88 12.92 17.75
C ARG C 94 -9.70 12.60 16.50
N LEU C 95 -9.79 13.57 15.60
CA LEU C 95 -10.65 13.48 14.43
C LEU C 95 -9.83 13.34 13.15
N GLY C 96 -10.43 12.68 12.16
CA GLY C 96 -9.83 12.58 10.85
C GLY C 96 -10.85 12.97 9.79
N ALA C 97 -10.33 13.32 8.61
CA ALA C 97 -11.19 13.80 7.54
C ALA C 97 -10.45 13.72 6.21
N THR C 98 -11.15 13.24 5.18
CA THR C 98 -10.58 13.15 3.84
C THR C 98 -10.62 14.52 3.17
N LEU C 99 -9.93 14.62 2.04
CA LEU C 99 -9.56 15.93 1.51
C LEU C 99 -10.80 16.78 1.18
N THR C 100 -11.71 16.24 0.38
CA THR C 100 -12.89 17.02 -0.01
C THR C 100 -13.68 17.44 1.23
N ILE C 101 -13.90 16.51 2.15
CA ILE C 101 -14.54 16.86 3.42
C ILE C 101 -13.68 17.87 4.17
N SER C 102 -12.38 17.63 4.23
CA SER C 102 -11.47 18.53 4.93
C SER C 102 -11.41 19.90 4.27
N ASP C 103 -11.68 19.96 2.96
CA ASP C 103 -11.55 21.23 2.25
C ASP C 103 -12.81 22.09 2.35
N TYR C 104 -14.00 21.48 2.33
CA TYR C 104 -15.23 22.23 2.13
C TYR C 104 -16.31 22.00 3.18
N LEU C 105 -16.10 21.08 4.13
CA LEU C 105 -17.08 20.79 5.18
C LEU C 105 -16.49 20.92 6.58
N ILE C 106 -15.35 20.27 6.85
CA ILE C 106 -14.77 20.32 8.20
C ILE C 106 -14.58 21.76 8.68
N PRO C 107 -14.03 22.69 7.90
CA PRO C 107 -13.75 24.03 8.45
C PRO C 107 -14.94 24.64 9.18
N ASP C 108 -16.10 24.72 8.52
CA ASP C 108 -17.28 25.30 9.16
C ASP C 108 -17.92 24.36 10.18
N LEU C 109 -17.55 23.08 10.17
CA LEU C 109 -18.11 22.14 11.13
C LEU C 109 -17.45 22.30 12.49
N MET C 110 -16.12 22.19 12.54
CA MET C 110 -15.42 22.35 13.81
C MET C 110 -15.65 23.73 14.41
N ALA C 111 -15.71 24.76 13.55
CA ALA C 111 -15.92 26.10 14.06
C ALA C 111 -17.28 26.23 14.72
N ASP C 112 -18.30 25.59 14.16
CA ASP C 112 -19.64 25.67 14.74
C ASP C 112 -19.76 24.79 15.98
N PHE C 113 -19.16 23.59 15.95
CA PHE C 113 -19.16 22.75 17.14
C PHE C 113 -18.45 23.44 18.30
N LEU C 114 -17.33 24.11 18.01
CA LEU C 114 -16.57 24.76 19.07
C LEU C 114 -17.30 25.95 19.66
N GLN C 115 -18.26 26.53 18.95
CA GLN C 115 -19.10 27.57 19.54
C GLN C 115 -20.13 26.99 20.48
N ILE C 116 -20.54 25.74 20.26
CA ILE C 116 -21.51 25.10 21.15
C ILE C 116 -20.82 24.57 22.40
N HIS C 117 -19.66 23.93 22.26
CA HIS C 117 -18.87 23.41 23.38
C HIS C 117 -17.52 24.13 23.40
N PRO C 118 -17.51 25.42 23.78
CA PRO C 118 -16.26 26.20 23.72
C PRO C 118 -15.07 25.65 24.51
N GLN C 119 -15.23 24.56 25.25
CA GLN C 119 -14.13 24.02 26.04
C GLN C 119 -13.52 22.76 25.42
N ALA C 120 -14.00 22.30 24.28
CA ALA C 120 -13.58 21.03 23.73
C ALA C 120 -12.16 21.10 23.18
N HIS C 121 -11.44 19.98 23.35
CA HIS C 121 -10.11 19.81 22.76
C HIS C 121 -10.26 18.90 21.54
N LEU C 122 -9.97 19.45 20.37
CA LEU C 122 -10.09 18.71 19.12
C LEU C 122 -8.74 18.70 18.39
N GLN C 123 -8.39 17.54 17.83
CA GLN C 123 -7.22 17.38 16.99
C GLN C 123 -7.68 16.88 15.62
N LEU C 124 -7.17 17.50 14.56
CA LEU C 124 -7.62 17.20 13.20
C LEU C 124 -6.46 16.61 12.40
N GLN C 125 -6.64 15.37 11.95
CA GLN C 125 -5.75 14.73 11.00
C GLN C 125 -6.41 14.74 9.64
N VAL C 126 -5.61 14.89 8.58
CA VAL C 126 -6.12 14.92 7.21
C VAL C 126 -5.32 13.95 6.36
N GLY C 127 -6.01 13.30 5.43
CA GLY C 127 -5.36 12.33 4.57
C GLY C 127 -6.38 11.77 3.59
N ASN C 128 -5.96 10.74 2.86
CA ASN C 128 -6.88 10.03 1.99
C ASN C 128 -7.60 8.93 2.79
N THR C 129 -8.49 8.21 2.13
CA THR C 129 -9.34 7.27 2.84
C THR C 129 -8.56 6.10 3.42
N ARG C 130 -7.50 5.66 2.73
CA ARG C 130 -6.73 4.52 3.25
C ARG C 130 -6.05 4.87 4.58
N GLN C 131 -5.61 6.12 4.73
CA GLN C 131 -4.92 6.51 5.95
C GLN C 131 -5.89 6.67 7.11
N MET C 132 -7.05 7.30 6.87
CA MET C 132 -8.05 7.42 7.92
C MET C 132 -8.49 6.06 8.42
N ILE C 133 -8.64 5.09 7.51
CA ILE C 133 -9.04 3.75 7.91
C ILE C 133 -7.96 3.11 8.77
N GLU C 134 -6.69 3.27 8.39
CA GLU C 134 -5.60 2.73 9.18
C GLU C 134 -5.48 3.47 10.50
N ALA C 135 -5.51 4.81 10.46
CA ALA C 135 -5.41 5.60 11.67
C ALA C 135 -6.48 5.20 12.67
N VAL C 136 -7.73 5.11 12.23
CA VAL C 136 -8.81 4.67 13.12
C VAL C 136 -8.59 3.22 13.54
N ASN C 137 -8.02 2.41 12.66
CA ASN C 137 -7.82 1.00 12.97
C ASN C 137 -6.88 0.82 14.16
N GLN C 138 -5.87 1.69 14.27
CA GLN C 138 -4.90 1.63 15.35
C GLN C 138 -5.41 2.27 16.64
N PHE C 139 -6.61 2.85 16.62
CA PHE C 139 -7.15 3.67 17.69
C PHE C 139 -6.47 5.03 17.79
N GLN C 140 -5.74 5.44 16.75
CA GLN C 140 -5.13 6.76 16.72
C GLN C 140 -6.14 7.88 16.47
N LEU C 141 -7.41 7.53 16.24
CA LEU C 141 -8.44 8.50 15.96
C LEU C 141 -9.74 8.02 16.57
N ASP C 142 -10.48 8.94 17.19
CA ASP C 142 -11.79 8.59 17.73
C ASP C 142 -12.83 8.45 16.63
N LEU C 143 -12.70 9.23 15.55
CA LEU C 143 -13.71 9.30 14.51
C LEU C 143 -13.11 9.95 13.29
N ALA C 144 -13.39 9.37 12.12
CA ALA C 144 -12.97 9.92 10.84
C ALA C 144 -14.17 10.12 9.94
N LEU C 145 -14.21 11.26 9.26
CA LEU C 145 -15.22 11.54 8.23
C LEU C 145 -14.58 11.26 6.88
N ILE C 146 -15.08 10.25 6.19
CA ILE C 146 -14.43 9.74 4.99
C ILE C 146 -15.35 9.88 3.79
N GLU C 147 -14.75 9.93 2.61
CA GLU C 147 -15.46 10.03 1.35
C GLU C 147 -15.28 8.81 0.46
N GLY C 148 -14.52 7.81 0.90
CA GLY C 148 -14.31 6.61 0.14
C GLY C 148 -15.16 5.45 0.63
N SER C 149 -14.80 4.26 0.18
CA SER C 149 -15.54 3.05 0.52
C SER C 149 -14.99 2.45 1.82
N CYS C 150 -15.85 1.69 2.50
CA CYS C 150 -15.63 1.25 3.88
C CYS C 150 -15.69 -0.27 3.92
N HIS C 151 -14.53 -0.91 4.10
CA HIS C 151 -14.46 -2.36 3.93
C HIS C 151 -13.66 -3.10 5.00
N LEU C 152 -13.16 -2.42 6.04
CA LEU C 152 -12.45 -3.19 7.08
C LEU C 152 -13.44 -3.70 8.12
N PRO C 153 -13.42 -5.00 8.44
CA PRO C 153 -14.44 -5.53 9.35
C PRO C 153 -14.39 -4.97 10.76
N GLN C 154 -13.20 -4.65 11.27
CA GLN C 154 -13.09 -4.16 12.64
C GLN C 154 -13.54 -2.72 12.79
N LEU C 155 -13.89 -2.04 11.71
CA LEU C 155 -14.42 -0.69 11.75
C LEU C 155 -15.91 -0.71 11.38
N GLN C 156 -16.60 0.34 11.79
CA GLN C 156 -18.01 0.53 11.47
C GLN C 156 -18.18 1.86 10.74
N CYS C 157 -19.08 1.88 9.76
CA CYS C 157 -19.38 3.09 9.01
C CYS C 157 -20.84 3.45 9.18
N ILE C 158 -21.09 4.65 9.68
CA ILE C 158 -22.43 5.22 9.78
C ILE C 158 -22.62 6.15 8.59
N HIS C 159 -23.66 5.91 7.80
CA HIS C 159 -23.92 6.77 6.66
C HIS C 159 -24.19 8.19 7.13
N TRP C 160 -23.36 9.13 6.69
CA TRP C 160 -23.48 10.53 7.10
C TRP C 160 -24.38 11.29 6.13
N ARG C 161 -23.91 11.45 4.90
CA ARG C 161 -24.66 12.16 3.86
C ARG C 161 -24.14 11.69 2.52
N ASN C 162 -24.73 12.22 1.45
CA ASN C 162 -24.30 11.93 0.09
C ASN C 162 -23.54 13.12 -0.49
N ASP C 163 -22.70 12.82 -1.47
CA ASP C 163 -21.91 13.83 -2.16
C ASP C 163 -21.98 13.54 -3.65
N GLU C 164 -22.37 14.56 -4.43
CA GLU C 164 -22.54 14.41 -5.87
C GLU C 164 -21.31 14.94 -6.58
N LEU C 165 -20.65 14.08 -7.35
CA LEU C 165 -19.58 14.49 -8.24
C LEU C 165 -20.16 14.84 -9.60
N ALA C 166 -19.35 15.51 -10.41
CA ALA C 166 -19.81 15.96 -11.73
C ALA C 166 -18.61 16.18 -12.62
N VAL C 167 -18.74 15.78 -13.89
CA VAL C 167 -17.76 16.14 -14.89
C VAL C 167 -17.84 17.64 -15.15
N CYS C 168 -16.69 18.30 -15.20
CA CYS C 168 -16.64 19.74 -15.36
C CYS C 168 -15.51 20.10 -16.32
N CYS C 169 -15.64 21.28 -16.92
CA CYS C 169 -14.68 21.73 -17.91
C CYS C 169 -14.76 23.25 -18.01
N ALA C 170 -13.83 23.84 -18.76
CA ALA C 170 -13.88 25.26 -19.02
C ALA C 170 -15.12 25.59 -19.84
N PRO C 171 -15.69 26.80 -19.67
CA PRO C 171 -16.94 27.11 -20.39
C PRO C 171 -16.81 27.02 -21.89
N ASP C 172 -15.62 27.26 -22.45
CA ASP C 172 -15.40 27.23 -23.90
C ASP C 172 -14.94 25.87 -24.38
N HIS C 173 -15.14 24.80 -23.61
CA HIS C 173 -14.80 23.48 -24.08
C HIS C 173 -15.74 23.07 -25.21
N PRO C 174 -15.23 22.44 -26.27
CA PRO C 174 -16.13 22.06 -27.39
C PRO C 174 -17.34 21.25 -26.95
N LEU C 175 -17.19 20.38 -25.96
CA LEU C 175 -18.32 19.58 -25.49
C LEU C 175 -19.34 20.42 -24.73
N ALA C 176 -18.94 21.59 -24.23
CA ALA C 176 -19.88 22.48 -23.55
C ALA C 176 -20.69 23.33 -24.51
N LYS C 177 -20.32 23.38 -25.79
CA LYS C 177 -21.03 24.17 -26.79
C LYS C 177 -22.06 23.35 -27.55
N LEU C 178 -21.85 22.04 -27.69
CA LEU C 178 -22.78 21.19 -28.41
C LEU C 178 -24.21 21.45 -27.96
N GLY C 179 -25.15 21.22 -28.87
CA GLY C 179 -26.56 21.34 -28.56
C GLY C 179 -27.18 19.99 -28.25
N ARG C 180 -26.69 18.95 -28.90
CA ARG C 180 -27.26 17.62 -28.71
C ARG C 180 -26.73 17.02 -27.40
N PRO C 181 -27.60 16.47 -26.55
CA PRO C 181 -27.12 15.89 -25.29
C PRO C 181 -26.00 14.88 -25.54
N LEU C 182 -25.13 14.75 -24.55
CA LEU C 182 -23.87 14.04 -24.74
C LEU C 182 -24.05 12.53 -24.55
N THR C 183 -23.06 11.79 -25.03
CA THR C 183 -22.99 10.35 -24.90
C THR C 183 -21.64 9.98 -24.31
N ALA C 184 -21.55 8.77 -23.77
CA ALA C 184 -20.25 8.28 -23.32
C ALA C 184 -19.20 8.31 -24.42
N GLN C 185 -19.64 8.38 -25.68
CA GLN C 185 -18.71 8.34 -26.80
C GLN C 185 -18.04 9.68 -27.06
N ASP C 186 -18.70 10.78 -26.70
CA ASP C 186 -18.10 12.10 -26.88
C ASP C 186 -16.82 12.26 -26.08
N PHE C 187 -16.61 11.42 -25.07
CA PHE C 187 -15.51 11.59 -24.13
C PHE C 187 -14.28 10.76 -24.48
N LEU C 188 -14.33 10.01 -25.57
CA LEU C 188 -13.09 9.49 -26.16
C LEU C 188 -12.16 10.65 -26.47
N ASN C 189 -10.87 10.47 -26.20
CA ASN C 189 -9.83 11.43 -26.52
C ASN C 189 -9.84 12.66 -25.63
N VAL C 190 -10.67 12.68 -24.59
CA VAL C 190 -10.61 13.77 -23.62
C VAL C 190 -9.39 13.59 -22.74
N GLU C 191 -8.76 14.69 -22.36
CA GLU C 191 -7.63 14.68 -21.44
C GLU C 191 -8.16 14.89 -20.03
N TRP C 192 -7.94 13.90 -19.17
CA TRP C 192 -8.54 13.89 -17.84
C TRP C 192 -7.54 14.39 -16.79
N ILE C 193 -8.01 15.25 -15.89
CA ILE C 193 -7.23 15.76 -14.77
C ILE C 193 -7.90 15.21 -13.52
N LEU C 194 -7.32 14.17 -12.92
CA LEU C 194 -7.99 13.40 -11.89
C LEU C 194 -7.21 13.42 -10.57
N ARG C 195 -7.90 12.99 -9.52
CA ARG C 195 -7.31 12.80 -8.20
C ARG C 195 -6.47 11.53 -8.17
N GLU C 196 -5.74 11.33 -7.07
CA GLU C 196 -4.77 10.25 -7.00
C GLU C 196 -5.47 8.89 -6.91
N GLU C 197 -4.69 7.84 -7.21
CA GLU C 197 -5.27 6.51 -7.36
C GLU C 197 -5.93 6.00 -6.09
N GLY C 198 -5.41 6.37 -4.92
CA GLY C 198 -5.92 5.84 -3.67
C GLY C 198 -6.93 6.71 -2.97
N SER C 199 -7.65 7.53 -3.73
CA SER C 199 -8.65 8.44 -3.17
C SER C 199 -10.06 7.97 -3.53
N GLY C 200 -11.04 8.47 -2.79
CA GLY C 200 -12.42 8.15 -3.06
C GLY C 200 -13.01 8.89 -4.24
N THR C 201 -12.39 10.01 -4.64
CA THR C 201 -12.82 10.71 -5.85
C THR C 201 -12.36 9.97 -7.09
N ARG C 202 -11.08 9.58 -7.14
CA ARG C 202 -10.60 8.74 -8.23
C ARG C 202 -11.32 7.41 -8.26
N GLU C 203 -11.78 6.93 -7.09
CA GLU C 203 -12.53 5.68 -7.05
C GLU C 203 -13.80 5.77 -7.89
N VAL C 204 -14.48 6.91 -7.86
CA VAL C 204 -15.70 7.07 -8.64
C VAL C 204 -15.39 7.05 -10.13
N PHE C 205 -14.38 7.81 -10.55
CA PHE C 205 -14.01 7.81 -11.96
C PHE C 205 -13.57 6.43 -12.42
N ASP C 206 -12.88 5.70 -11.55
CA ASP C 206 -12.32 4.41 -11.95
C ASP C 206 -13.40 3.35 -12.12
N ASN C 207 -14.46 3.41 -11.32
CA ASN C 207 -15.53 2.41 -11.36
C ASN C 207 -16.79 2.89 -12.05
N ALA C 208 -16.94 4.19 -12.30
CA ALA C 208 -18.17 4.74 -12.86
C ALA C 208 -17.99 5.39 -14.23
N ILE C 209 -16.75 5.61 -14.68
CA ILE C 209 -16.52 6.25 -15.97
C ILE C 209 -15.53 5.44 -16.80
N LEU C 210 -14.50 4.91 -16.14
CA LEU C 210 -13.38 4.33 -16.88
C LEU C 210 -13.82 3.18 -17.79
N GLN C 211 -14.87 2.46 -17.41
CA GLN C 211 -15.27 1.29 -18.19
C GLN C 211 -15.88 1.67 -19.54
N ASP C 212 -16.08 2.95 -19.81
CA ASP C 212 -16.60 3.39 -21.10
C ASP C 212 -15.55 4.05 -21.98
N VAL C 213 -14.48 4.59 -21.41
CA VAL C 213 -13.34 5.07 -22.18
C VAL C 213 -12.09 4.40 -21.62
N PRO C 214 -11.83 3.14 -21.95
CA PRO C 214 -10.70 2.45 -21.32
C PRO C 214 -9.35 3.05 -21.69
N ASP C 215 -9.19 3.50 -22.93
CA ASP C 215 -7.99 4.22 -23.35
C ASP C 215 -7.98 5.68 -22.89
N ALA C 216 -8.81 6.03 -21.91
CA ALA C 216 -8.90 7.40 -21.44
C ALA C 216 -7.51 7.96 -21.14
N ASN C 217 -7.20 9.09 -21.75
CA ASN C 217 -5.92 9.75 -21.49
C ASN C 217 -5.96 10.40 -20.11
N ILE C 218 -5.12 9.91 -19.21
CA ILE C 218 -5.00 10.45 -17.86
C ILE C 218 -3.58 10.98 -17.75
N ARG C 219 -3.39 12.24 -18.11
CA ARG C 219 -2.08 12.85 -18.21
C ARG C 219 -1.61 13.47 -16.90
N LEU C 220 -2.55 13.90 -16.05
CA LEU C 220 -2.23 14.58 -14.81
C LEU C 220 -3.02 13.94 -13.68
N THR C 221 -2.33 13.60 -12.59
CA THR C 221 -2.95 13.02 -11.41
C THR C 221 -2.45 13.79 -10.20
N LEU C 222 -3.36 14.49 -9.53
CA LEU C 222 -2.99 15.47 -8.51
C LEU C 222 -3.77 15.20 -7.23
N GLY C 223 -3.07 15.23 -6.10
CA GLY C 223 -3.71 15.05 -4.81
C GLY C 223 -4.20 16.37 -4.22
N HIS C 224 -4.83 17.18 -5.06
CA HIS C 224 -5.30 18.50 -4.64
C HIS C 224 -6.50 18.87 -5.48
N ASN C 225 -7.62 19.19 -4.83
CA ASN C 225 -8.84 19.47 -5.57
C ASN C 225 -8.77 20.81 -6.30
N GLU C 226 -8.15 21.81 -5.69
CA GLU C 226 -8.10 23.13 -6.31
C GLU C 226 -7.11 23.16 -7.47
N ALA C 227 -5.95 22.52 -7.33
CA ALA C 227 -5.01 22.45 -8.43
C ALA C 227 -5.68 21.89 -9.68
N ILE C 228 -6.44 20.81 -9.52
CA ILE C 228 -7.18 20.24 -10.63
C ILE C 228 -8.10 21.28 -11.26
N LEU C 229 -8.92 21.92 -10.43
CA LEU C 229 -9.93 22.83 -10.95
C LEU C 229 -9.32 24.03 -11.66
N LYS C 230 -8.16 24.50 -11.19
CA LYS C 230 -7.52 25.63 -11.88
C LYS C 230 -6.96 25.19 -13.23
N ILE C 231 -6.36 24.00 -13.30
CA ILE C 231 -5.84 23.51 -14.57
C ILE C 231 -6.98 23.28 -15.55
N VAL C 232 -8.09 22.71 -15.08
CA VAL C 232 -9.22 22.45 -15.97
C VAL C 232 -9.75 23.75 -16.55
N ALA C 233 -9.89 24.79 -15.72
CA ALA C 233 -10.46 26.05 -16.18
C ALA C 233 -9.49 26.86 -17.04
N GLY C 234 -8.19 26.65 -16.88
CA GLY C 234 -7.20 27.41 -17.63
C GLY C 234 -6.98 26.96 -19.05
N GLY C 235 -7.65 25.89 -19.48
CA GLY C 235 -7.50 25.41 -20.84
C GLY C 235 -8.48 24.29 -21.13
N LEU C 236 -8.03 23.28 -21.87
CA LEU C 236 -8.84 22.11 -22.13
C LEU C 236 -8.59 21.08 -21.03
N GLY C 237 -9.14 19.89 -21.17
CA GLY C 237 -9.08 18.91 -20.10
C GLY C 237 -10.27 19.02 -19.16
N MET C 238 -10.63 17.89 -18.56
CA MET C 238 -11.78 17.82 -17.68
C MET C 238 -11.41 17.02 -16.43
N SER C 239 -12.29 17.08 -15.44
CA SER C 239 -12.16 16.29 -14.23
C SER C 239 -13.53 15.84 -13.77
N CYS C 240 -13.54 14.88 -12.86
CA CYS C 240 -14.74 14.43 -12.17
C CYS C 240 -14.51 14.66 -10.68
N ILE C 241 -15.20 15.66 -10.12
CA ILE C 241 -14.92 16.14 -8.78
C ILE C 241 -16.21 16.53 -8.08
N SER C 242 -16.15 16.58 -6.76
CA SER C 242 -17.31 16.91 -5.95
C SER C 242 -17.87 18.28 -6.35
N ARG C 243 -19.21 18.37 -6.39
CA ARG C 243 -19.85 19.64 -6.66
C ARG C 243 -19.52 20.67 -5.57
N LEU C 244 -19.22 20.20 -4.35
CA LEU C 244 -18.81 21.12 -3.30
C LEU C 244 -17.66 22.00 -3.77
N ALA C 245 -16.77 21.45 -4.59
CA ALA C 245 -15.61 22.19 -5.07
C ALA C 245 -15.86 22.93 -6.37
N ILE C 246 -16.73 22.40 -7.23
CA ILE C 246 -16.95 23.01 -8.55
C ILE C 246 -17.79 24.26 -8.43
N GLU C 247 -18.87 24.20 -7.64
CA GLU C 247 -19.94 25.17 -7.75
C GLU C 247 -19.52 26.60 -7.46
N PRO C 248 -18.59 26.87 -6.54
CA PRO C 248 -18.06 28.25 -6.43
C PRO C 248 -17.53 28.76 -7.75
N LEU C 249 -16.96 27.89 -8.58
CA LEU C 249 -16.41 28.30 -9.86
C LEU C 249 -17.47 28.33 -10.96
N ILE C 250 -18.50 27.48 -10.87
CA ILE C 250 -19.57 27.53 -11.85
C ILE C 250 -20.28 28.88 -11.79
N GLU C 251 -20.53 29.37 -10.57
CA GLU C 251 -21.22 30.64 -10.40
C GLU C 251 -20.30 31.83 -10.68
N LYS C 252 -18.98 31.61 -10.70
CA LYS C 252 -18.05 32.63 -11.15
C LYS C 252 -17.88 32.65 -12.66
N GLY C 253 -18.40 31.65 -13.37
CA GLY C 253 -18.26 31.60 -14.81
C GLY C 253 -16.94 31.04 -15.30
N GLN C 254 -16.23 30.29 -14.46
CA GLN C 254 -14.93 29.73 -14.83
C GLN C 254 -15.00 28.25 -15.14
N LEU C 255 -16.07 27.57 -14.76
CA LEU C 255 -16.28 26.17 -15.12
C LEU C 255 -17.75 25.96 -15.45
N VAL C 256 -18.04 24.85 -16.13
CA VAL C 256 -19.40 24.39 -16.36
C VAL C 256 -19.44 22.90 -16.08
N ILE C 257 -20.64 22.39 -15.83
CA ILE C 257 -20.87 20.97 -15.60
C ILE C 257 -21.52 20.39 -16.84
N LEU C 258 -20.91 19.35 -17.39
CA LEU C 258 -21.51 18.59 -18.48
C LEU C 258 -22.48 17.56 -17.90
N GLU C 259 -23.74 17.64 -18.29
CA GLU C 259 -24.72 16.67 -17.84
C GLU C 259 -24.37 15.29 -18.39
N THR C 260 -24.12 14.34 -17.49
CA THR C 260 -23.73 12.97 -17.84
C THR C 260 -24.65 11.99 -17.14
N PRO C 261 -25.93 11.98 -17.49
CA PRO C 261 -26.86 11.01 -16.87
C PRO C 261 -26.53 9.55 -17.14
N PHE C 262 -25.61 9.25 -18.07
CA PHE C 262 -25.22 7.86 -18.32
C PHE C 262 -24.14 7.37 -17.36
N TRP C 263 -23.81 8.16 -16.35
CA TRP C 263 -22.82 7.79 -15.34
C TRP C 263 -23.37 8.15 -13.98
N GLU C 264 -23.28 7.22 -13.02
CA GLU C 264 -23.70 7.46 -11.66
C GLU C 264 -22.52 8.03 -10.89
N LEU C 265 -22.62 9.29 -10.47
CA LEU C 265 -21.52 10.00 -9.82
C LEU C 265 -21.81 10.35 -8.37
N THR C 266 -22.97 9.98 -7.85
CA THR C 266 -23.24 10.17 -6.43
C THR C 266 -22.46 9.14 -5.62
N ARG C 267 -21.97 9.56 -4.45
CA ARG C 267 -21.15 8.72 -3.61
C ARG C 267 -21.43 9.06 -2.16
N PRO C 268 -21.39 8.09 -1.25
CA PRO C 268 -21.67 8.37 0.16
C PRO C 268 -20.47 8.85 0.94
N LEU C 269 -20.74 9.73 1.90
CA LEU C 269 -19.81 10.09 2.95
C LEU C 269 -20.19 9.37 4.23
N HIS C 270 -19.19 8.95 4.99
CA HIS C 270 -19.41 8.11 6.15
C HIS C 270 -18.73 8.69 7.38
N LEU C 271 -19.33 8.44 8.54
CA LEU C 271 -18.64 8.56 9.82
C LEU C 271 -18.01 7.20 10.13
N LEU C 272 -16.75 7.21 10.51
CA LEU C 272 -15.97 5.99 10.68
C LEU C 272 -15.49 5.89 12.13
N VAL C 273 -15.85 4.80 12.80
CA VAL C 273 -15.45 4.57 14.17
C VAL C 273 -15.03 3.11 14.32
N HIS C 274 -14.11 2.87 15.26
CA HIS C 274 -13.72 1.50 15.60
C HIS C 274 -14.85 0.83 16.38
N ARG C 275 -15.21 -0.38 15.98
CA ARG C 275 -16.30 -1.09 16.66
C ARG C 275 -15.99 -1.38 18.11
N GLN C 276 -14.71 -1.39 18.49
CA GLN C 276 -14.30 -1.70 19.86
C GLN C 276 -14.05 -0.46 20.71
N LYS C 277 -14.21 0.74 20.15
CA LYS C 277 -13.94 1.97 20.88
C LYS C 277 -15.20 2.39 21.64
N TYR C 278 -15.07 2.48 22.96
CA TYR C 278 -16.15 3.00 23.79
C TYR C 278 -16.43 4.46 23.44
N GLN C 279 -17.70 4.78 23.23
CA GLN C 279 -18.13 6.12 22.84
C GLN C 279 -18.53 6.87 24.11
N GLY C 280 -17.57 7.62 24.66
CA GLY C 280 -17.83 8.39 25.85
C GLY C 280 -18.66 9.62 25.55
N PRO C 281 -18.93 10.41 26.59
CA PRO C 281 -19.80 11.58 26.40
C PRO C 281 -19.30 12.54 25.33
N GLY C 282 -18.01 12.89 25.36
CA GLY C 282 -17.47 13.81 24.39
C GLY C 282 -17.66 13.33 22.96
N LEU C 283 -17.21 12.11 22.67
CA LEU C 283 -17.33 11.58 21.32
C LEU C 283 -18.79 11.50 20.89
N LYS C 284 -19.65 10.91 21.73
CA LYS C 284 -21.06 10.78 21.38
C LYS C 284 -21.69 12.15 21.14
N ALA C 285 -21.18 13.19 21.79
CA ALA C 285 -21.70 14.54 21.53
C ALA C 285 -21.31 15.01 20.14
N PHE C 286 -20.09 14.72 19.69
CA PHE C 286 -19.66 15.15 18.38
C PHE C 286 -20.38 14.37 17.28
N MET C 287 -20.50 13.05 17.44
CA MET C 287 -21.19 12.25 16.43
C MET C 287 -22.64 12.72 16.28
N ASN C 288 -23.27 13.13 17.38
CA ASN C 288 -24.64 13.63 17.30
C ASN C 288 -24.69 14.95 16.54
N PHE C 289 -23.70 15.82 16.75
CA PHE C 289 -23.69 17.09 16.04
C PHE C 289 -23.58 16.88 14.54
N CYS C 290 -22.74 15.94 14.11
CA CYS C 290 -22.59 15.68 12.68
C CYS C 290 -23.86 15.11 12.08
N GLU C 291 -24.56 14.25 12.84
CA GLU C 291 -25.82 13.71 12.34
C GLU C 291 -26.89 14.78 12.22
N ASN C 292 -26.97 15.67 13.22
CA ASN C 292 -27.99 16.72 13.25
C ASN C 292 -27.53 17.96 12.47
N ARG C 293 -26.67 17.78 11.47
CA ARG C 293 -26.18 18.88 10.65
C ARG C 293 -26.46 18.66 9.16
N VAL C 294 -27.24 17.63 8.82
CA VAL C 294 -27.56 17.35 7.42
C VAL C 294 -28.90 17.99 7.09
N ASN C 295 -29.98 17.44 7.64
CA ASN C 295 -31.31 18.04 7.53
C ASN C 295 -32.31 17.24 8.36
N MET D 1 21.23 -12.85 -30.15
CA MET D 1 21.60 -12.22 -31.46
C MET D 1 23.08 -12.36 -31.76
N ARG D 2 23.40 -13.07 -32.84
CA ARG D 2 24.75 -13.04 -33.39
C ARG D 2 24.96 -11.88 -34.34
N MET D 3 23.88 -11.26 -34.83
CA MET D 3 24.00 -10.13 -35.74
C MET D 3 24.27 -8.86 -34.95
N THR D 4 24.94 -7.91 -35.60
CA THR D 4 25.37 -6.67 -34.97
C THR D 4 24.89 -5.48 -35.79
N LEU D 5 24.75 -4.33 -35.13
CA LEU D 5 24.43 -3.10 -35.85
C LEU D 5 25.46 -2.83 -36.94
N ARG D 6 26.73 -3.11 -36.66
CA ARG D 6 27.76 -2.97 -37.69
C ARG D 6 27.42 -3.77 -38.93
N GLN D 7 27.01 -5.03 -38.74
CA GLN D 7 26.61 -5.85 -39.88
C GLN D 7 25.46 -5.22 -40.64
N LEU D 8 24.47 -4.68 -39.92
CA LEU D 8 23.33 -4.06 -40.58
C LEU D 8 23.76 -2.82 -41.36
N ALA D 9 24.60 -1.98 -40.78
CA ALA D 9 25.05 -0.78 -41.47
C ALA D 9 25.75 -1.13 -42.78
N VAL D 10 26.57 -2.18 -42.76
CA VAL D 10 27.26 -2.60 -43.98
C VAL D 10 26.26 -3.19 -44.97
N PHE D 11 25.30 -3.97 -44.48
CA PHE D 11 24.27 -4.52 -45.36
C PHE D 11 23.48 -3.40 -46.04
N VAL D 12 23.28 -2.28 -45.35
CA VAL D 12 22.56 -1.16 -45.96
C VAL D 12 23.46 -0.43 -46.95
N ALA D 13 24.73 -0.21 -46.60
CA ALA D 13 25.61 0.58 -47.46
C ALA D 13 25.80 -0.09 -48.82
N VAL D 14 26.12 -1.38 -48.83
CA VAL D 14 26.31 -2.08 -50.09
C VAL D 14 25.04 -1.99 -50.94
N ALA D 15 23.88 -2.03 -50.30
CA ALA D 15 22.63 -1.88 -51.04
C ALA D 15 22.51 -0.49 -51.63
N GLN D 16 23.02 0.53 -50.93
CA GLN D 16 22.94 1.91 -51.41
C GLN D 16 24.06 2.27 -52.36
N GLU D 17 25.23 1.64 -52.22
CA GLU D 17 26.40 1.98 -53.03
C GLU D 17 26.64 0.98 -54.16
N GLY D 18 26.46 -0.31 -53.92
CA GLY D 18 26.58 -1.32 -54.94
C GLY D 18 27.91 -2.04 -54.98
N THR D 19 28.95 -1.47 -54.36
CA THR D 19 30.26 -2.11 -54.31
C THR D 19 30.80 -2.01 -52.89
N VAL D 20 31.61 -3.01 -52.51
CA VAL D 20 32.17 -3.03 -51.16
C VAL D 20 33.02 -1.79 -50.93
N THR D 21 33.70 -1.30 -51.96
CA THR D 21 34.60 -0.17 -51.82
C THR D 21 33.84 1.06 -51.35
N LYS D 22 32.96 1.59 -52.20
CA LYS D 22 32.23 2.82 -51.84
C LYS D 22 31.39 2.61 -50.59
N ALA D 23 30.90 1.39 -50.36
CA ALA D 23 30.15 1.12 -49.15
C ALA D 23 31.04 1.23 -47.92
N SER D 24 32.34 0.99 -48.06
CA SER D 24 33.25 1.06 -46.92
C SER D 24 33.56 2.51 -46.55
N ASP D 25 33.71 3.38 -47.54
CA ASP D 25 33.96 4.79 -47.26
C ASP D 25 32.75 5.44 -46.58
N ALA D 26 31.55 5.17 -47.10
CA ALA D 26 30.35 5.81 -46.58
C ALA D 26 29.98 5.31 -45.18
N VAL D 27 30.54 4.18 -44.75
CA VAL D 27 30.39 3.75 -43.35
C VAL D 27 31.64 4.04 -42.53
N ARG D 28 32.64 4.69 -43.12
CA ARG D 28 33.85 5.08 -42.39
C ARG D 28 34.58 3.84 -41.86
N LEU D 29 34.83 2.90 -42.76
CA LEU D 29 35.38 1.61 -42.37
C LEU D 29 36.32 1.09 -43.46
N THR D 30 37.27 0.27 -43.05
CA THR D 30 38.19 -0.36 -43.98
C THR D 30 37.44 -1.35 -44.88
N GLN D 31 38.02 -1.62 -46.05
CA GLN D 31 37.44 -2.60 -46.96
C GLN D 31 37.34 -3.97 -46.29
N SER D 32 38.45 -4.45 -45.72
CA SER D 32 38.44 -5.75 -45.04
C SER D 32 37.45 -5.74 -43.88
N ALA D 33 37.50 -4.69 -43.06
CA ALA D 33 36.58 -4.59 -41.93
C ALA D 33 35.13 -4.71 -42.38
N ALA D 34 34.80 -4.13 -43.54
CA ALA D 34 33.43 -4.13 -44.01
C ALA D 34 33.05 -5.45 -44.67
N SER D 35 33.97 -6.05 -45.44
CA SER D 35 33.68 -7.33 -46.06
C SER D 35 33.58 -8.44 -45.02
N MET D 36 34.42 -8.36 -43.97
CA MET D 36 34.30 -9.28 -42.85
C MET D 36 32.89 -9.23 -42.24
N ALA D 37 32.32 -8.02 -42.14
CA ALA D 37 31.02 -7.88 -41.48
C ALA D 37 29.90 -8.48 -42.32
N LEU D 38 29.93 -8.26 -43.64
CA LEU D 38 28.89 -8.83 -44.49
C LEU D 38 28.97 -10.35 -44.53
N ALA D 39 30.19 -10.90 -44.45
CA ALA D 39 30.33 -12.36 -44.41
C ALA D 39 29.66 -12.94 -43.16
N ASP D 40 29.92 -12.33 -42.00
CA ASP D 40 29.30 -12.82 -40.76
C ASP D 40 27.78 -12.78 -40.85
N LEU D 41 27.22 -11.70 -41.39
CA LEU D 41 25.78 -11.56 -41.44
C LEU D 41 25.14 -12.67 -42.27
N GLU D 42 25.62 -12.86 -43.50
CA GLU D 42 25.06 -13.92 -44.34
C GLU D 42 25.27 -15.28 -43.72
N ASP D 43 26.36 -15.47 -42.98
CA ASP D 43 26.55 -16.72 -42.23
C ASP D 43 25.42 -16.92 -41.23
N GLY D 44 25.24 -15.98 -40.32
CA GLY D 44 24.27 -16.11 -39.24
C GLY D 44 22.84 -15.89 -39.62
N LEU D 45 22.54 -15.84 -40.92
CA LEU D 45 21.17 -15.88 -41.41
C LEU D 45 20.83 -17.18 -42.12
N GLY D 46 21.81 -17.81 -42.76
CA GLY D 46 21.61 -19.05 -43.49
C GLY D 46 21.71 -18.92 -44.99
N ALA D 47 21.74 -17.70 -45.52
CA ALA D 47 21.72 -17.51 -46.96
C ALA D 47 22.39 -16.18 -47.28
N PRO D 48 22.75 -15.96 -48.54
CA PRO D 48 23.33 -14.67 -48.94
C PRO D 48 22.25 -13.60 -49.13
N LEU D 49 22.70 -12.35 -49.09
CA LEU D 49 21.83 -11.21 -49.32
C LEU D 49 22.14 -10.49 -50.63
N PHE D 50 23.07 -10.99 -51.43
CA PHE D 50 23.47 -10.32 -52.66
C PHE D 50 23.88 -11.32 -53.72
N ASP D 51 23.65 -10.96 -54.97
CA ASP D 51 24.23 -11.65 -56.12
C ASP D 51 25.53 -10.96 -56.50
N ARG D 52 26.49 -11.75 -56.99
CA ARG D 52 27.83 -11.26 -57.28
C ARG D 52 28.08 -11.18 -58.78
N LEU D 53 28.65 -10.06 -59.20
CA LEU D 53 28.96 -9.75 -60.60
C LEU D 53 30.39 -9.19 -60.58
N GLY D 54 31.39 -10.06 -60.61
CA GLY D 54 32.74 -9.65 -60.32
C GLY D 54 32.79 -9.17 -58.89
N LYS D 55 32.54 -7.87 -58.69
CA LYS D 55 32.17 -7.37 -57.37
C LYS D 55 31.20 -6.20 -57.52
N ARG D 56 30.21 -6.36 -58.41
CA ARG D 56 28.99 -5.60 -58.32
C ARG D 56 28.05 -6.34 -57.38
N LEU D 57 27.52 -5.64 -56.39
CA LEU D 57 26.65 -6.25 -55.38
C LEU D 57 25.27 -5.62 -55.48
N GLN D 58 24.33 -6.38 -56.05
CA GLN D 58 22.93 -5.99 -56.12
C GLN D 58 22.12 -6.95 -55.27
N LEU D 59 21.06 -6.42 -54.64
CA LEU D 59 20.26 -7.22 -53.73
C LEU D 59 19.61 -8.38 -54.45
N ASN D 60 19.83 -9.59 -53.94
CA ASN D 60 19.03 -10.74 -54.34
C ASN D 60 17.65 -10.59 -53.70
N ASP D 61 16.86 -11.66 -53.73
CA ASP D 61 15.50 -11.57 -53.22
C ASP D 61 15.48 -11.42 -51.70
N LEU D 62 16.28 -12.22 -51.00
CA LEU D 62 16.36 -12.10 -49.54
C LEU D 62 16.73 -10.69 -49.13
N GLY D 63 17.80 -10.14 -49.73
CA GLY D 63 18.21 -8.79 -49.39
C GLY D 63 17.11 -7.77 -49.55
N ARG D 64 16.34 -7.88 -50.64
CA ARG D 64 15.25 -6.95 -50.86
C ARG D 64 14.15 -7.10 -49.81
N PHE D 65 13.93 -8.31 -49.30
CA PHE D 65 12.88 -8.51 -48.31
C PHE D 65 13.29 -7.96 -46.94
N LEU D 66 14.55 -8.17 -46.55
CA LEU D 66 15.00 -7.77 -45.23
C LEU D 66 15.51 -6.34 -45.17
N LEU D 67 15.89 -5.75 -46.30
CA LEU D 67 16.45 -4.40 -46.30
C LEU D 67 15.58 -3.40 -45.56
N PRO D 68 14.29 -3.25 -45.87
CA PRO D 68 13.48 -2.26 -45.14
C PRO D 68 13.44 -2.52 -43.64
N GLN D 69 13.60 -3.78 -43.21
CA GLN D 69 13.72 -4.05 -41.78
C GLN D 69 15.05 -3.55 -41.24
N ALA D 70 16.12 -3.73 -42.01
CA ALA D 70 17.43 -3.23 -41.58
C ALA D 70 17.43 -1.71 -41.49
N LEU D 71 16.76 -1.04 -42.42
CA LEU D 71 16.71 0.42 -42.39
C LEU D 71 15.95 0.92 -41.17
N GLU D 72 14.87 0.22 -40.80
CA GLU D 72 14.08 0.65 -39.65
C GLU D 72 14.85 0.47 -38.35
N ILE D 73 15.53 -0.66 -38.20
CA ILE D 73 16.34 -0.90 -37.01
C ILE D 73 17.43 0.16 -36.88
N LEU D 74 18.19 0.37 -37.96
CA LEU D 74 19.25 1.37 -37.91
C LEU D 74 18.70 2.76 -37.63
N GLY D 75 17.57 3.10 -38.24
CA GLY D 75 16.97 4.40 -37.96
C GLY D 75 16.61 4.58 -36.50
N ARG D 76 16.07 3.53 -35.87
CA ARG D 76 15.70 3.62 -34.47
C ARG D 76 16.92 3.67 -33.57
N CYS D 77 18.00 3.00 -33.95
CA CYS D 77 19.25 3.12 -33.20
C CYS D 77 19.78 4.54 -33.27
N GLU D 78 19.76 5.15 -34.45
CA GLU D 78 20.19 6.54 -34.57
C GLU D 78 19.28 7.47 -33.77
N ALA D 79 17.97 7.24 -33.83
CA ALA D 79 17.06 8.03 -33.00
C ALA D 79 17.32 7.80 -31.52
N PHE D 80 17.55 6.53 -31.14
CA PHE D 80 17.88 6.23 -29.74
C PHE D 80 19.10 7.02 -29.29
N GLU D 81 20.10 7.15 -30.16
CA GLU D 81 21.34 7.81 -29.75
C GLU D 81 21.16 9.33 -29.69
N GLN D 82 20.46 9.92 -30.66
CA GLN D 82 20.23 11.36 -30.60
C GLN D 82 19.32 11.71 -29.42
N ALA D 83 18.34 10.87 -29.13
CA ALA D 83 17.47 11.10 -27.98
C ALA D 83 18.28 11.09 -26.69
N ALA D 84 19.27 10.19 -26.59
CA ALA D 84 20.08 10.09 -25.39
C ALA D 84 21.12 11.21 -25.33
N LYS D 85 21.83 11.44 -26.43
CA LYS D 85 22.88 12.46 -26.42
C LYS D 85 22.30 13.85 -26.22
N GLY D 86 21.14 14.12 -26.80
CA GLY D 86 20.49 15.41 -26.67
C GLY D 86 19.50 15.51 -25.52
N GLU D 87 19.29 14.43 -24.77
CA GLU D 87 18.35 14.40 -23.66
C GLU D 87 17.01 14.98 -24.09
N LEU D 88 16.39 14.32 -25.07
CA LEU D 88 15.14 14.77 -25.67
C LEU D 88 13.92 14.11 -25.05
N GLN D 89 14.02 13.63 -23.81
CA GLN D 89 12.87 13.00 -23.17
C GLN D 89 11.84 14.06 -22.80
N SER D 90 10.60 13.60 -22.61
CA SER D 90 9.51 14.48 -22.24
C SER D 90 9.55 14.79 -20.74
N ILE D 91 8.57 15.55 -20.28
CA ILE D 91 8.46 15.93 -18.87
C ILE D 91 7.59 14.89 -18.17
N ASP D 92 8.16 14.24 -17.15
CA ASP D 92 7.43 13.25 -16.36
C ASP D 92 7.93 13.37 -14.92
N LEU D 93 7.26 14.23 -14.14
CA LEU D 93 7.75 14.65 -12.84
C LEU D 93 6.82 14.21 -11.72
N ARG D 94 7.43 13.74 -10.63
CA ARG D 94 6.72 13.44 -9.38
CA ARG D 94 6.72 13.44 -9.38
C ARG D 94 7.07 14.55 -8.40
N LEU D 95 6.08 15.40 -8.10
CA LEU D 95 6.30 16.57 -7.28
C LEU D 95 5.67 16.43 -5.90
N GLY D 96 6.28 17.09 -4.92
CA GLY D 96 5.71 17.18 -3.59
C GLY D 96 5.67 18.62 -3.13
N ALA D 97 4.81 18.87 -2.15
CA ALA D 97 4.66 20.21 -1.61
C ALA D 97 4.08 20.13 -0.20
N THR D 98 4.45 21.10 0.64
CA THR D 98 3.88 21.21 1.96
C THR D 98 2.56 21.99 1.88
N LEU D 99 1.87 22.08 3.02
CA LEU D 99 0.44 22.42 2.96
C LEU D 99 0.22 23.87 2.53
N THR D 100 0.91 24.82 3.16
CA THR D 100 0.73 26.21 2.76
C THR D 100 1.11 26.42 1.31
N ILE D 101 2.18 25.75 0.85
CA ILE D 101 2.57 25.84 -0.55
C ILE D 101 1.49 25.25 -1.44
N SER D 102 0.95 24.10 -1.06
CA SER D 102 -0.06 23.44 -1.90
C SER D 102 -1.33 24.27 -2.00
N ASP D 103 -1.72 24.92 -0.91
CA ASP D 103 -3.02 25.59 -0.86
C ASP D 103 -3.03 26.90 -1.63
N TYR D 104 -1.94 27.66 -1.59
CA TYR D 104 -1.97 29.04 -2.05
C TYR D 104 -1.01 29.35 -3.19
N LEU D 105 -0.02 28.51 -3.46
CA LEU D 105 0.94 28.75 -4.53
C LEU D 105 0.87 27.73 -5.65
N ILE D 106 0.51 26.49 -5.36
CA ILE D 106 0.60 25.39 -6.33
C ILE D 106 -0.44 25.56 -7.44
N PRO D 107 -1.70 25.89 -7.14
CA PRO D 107 -2.71 25.93 -8.22
C PRO D 107 -2.31 26.76 -9.42
N ASP D 108 -1.87 28.01 -9.21
CA ASP D 108 -1.46 28.85 -10.32
C ASP D 108 -0.04 28.56 -10.78
N LEU D 109 0.80 27.96 -9.92
CA LEU D 109 2.14 27.58 -10.33
C LEU D 109 2.09 26.46 -11.37
N MET D 110 1.30 25.41 -11.09
CA MET D 110 1.21 24.30 -12.02
C MET D 110 0.40 24.67 -13.26
N ALA D 111 -0.67 25.45 -13.09
CA ALA D 111 -1.47 25.85 -14.24
C ALA D 111 -0.64 26.70 -15.21
N ASP D 112 0.16 27.63 -14.69
CA ASP D 112 0.99 28.46 -15.56
C ASP D 112 2.09 27.63 -16.20
N PHE D 113 2.68 26.70 -15.45
CA PHE D 113 3.69 25.81 -16.03
C PHE D 113 3.11 25.02 -17.19
N LEU D 114 1.87 24.56 -17.06
CA LEU D 114 1.24 23.76 -18.11
C LEU D 114 0.79 24.61 -19.29
N GLN D 115 0.63 25.92 -19.11
CA GLN D 115 0.44 26.79 -20.27
C GLN D 115 1.67 26.83 -21.15
N ILE D 116 2.85 26.64 -20.55
CA ILE D 116 4.11 26.64 -21.30
C ILE D 116 4.44 25.24 -21.82
N HIS D 117 4.19 24.21 -21.00
CA HIS D 117 4.50 22.82 -21.34
C HIS D 117 3.21 22.02 -21.25
N PRO D 118 2.31 22.16 -22.22
CA PRO D 118 0.96 21.58 -22.08
C PRO D 118 0.95 20.05 -22.04
N GLN D 119 1.93 19.39 -22.64
CA GLN D 119 1.97 17.93 -22.67
C GLN D 119 2.81 17.34 -21.54
N ALA D 120 3.08 18.14 -20.51
CA ALA D 120 3.87 17.65 -19.39
C ALA D 120 3.05 16.70 -18.52
N HIS D 121 3.73 15.71 -17.96
CA HIS D 121 3.12 14.78 -17.01
C HIS D 121 3.62 15.13 -15.62
N LEU D 122 2.69 15.50 -14.74
CA LEU D 122 3.00 15.92 -13.38
C LEU D 122 2.17 15.13 -12.40
N GLN D 123 2.77 14.81 -11.25
CA GLN D 123 2.07 14.21 -10.13
C GLN D 123 2.37 15.04 -8.89
N LEU D 124 1.37 15.23 -8.04
CA LEU D 124 1.50 16.05 -6.85
C LEU D 124 1.14 15.24 -5.62
N GLN D 125 2.09 15.14 -4.69
CA GLN D 125 1.87 14.58 -3.37
C GLN D 125 1.90 15.73 -2.37
N VAL D 126 0.88 15.80 -1.51
CA VAL D 126 0.78 16.86 -0.51
C VAL D 126 1.03 16.27 0.86
N GLY D 127 1.97 16.85 1.58
CA GLY D 127 2.35 16.35 2.90
C GLY D 127 3.37 17.27 3.51
N ASN D 128 3.58 17.08 4.81
CA ASN D 128 4.41 18.01 5.57
C ASN D 128 5.88 17.88 5.17
N THR D 129 6.73 18.68 5.82
CA THR D 129 8.12 18.78 5.42
C THR D 129 8.86 17.45 5.57
N ARG D 130 8.58 16.72 6.65
CA ARG D 130 9.38 15.54 6.96
C ARG D 130 9.00 14.34 6.08
N GLN D 131 7.73 14.27 5.64
CA GLN D 131 7.37 13.25 4.65
C GLN D 131 8.05 13.53 3.32
N MET D 132 8.13 14.80 2.93
CA MET D 132 8.79 15.15 1.67
C MET D 132 10.29 14.85 1.73
N ILE D 133 10.92 15.16 2.87
CA ILE D 133 12.34 14.86 3.04
C ILE D 133 12.59 13.38 2.76
N GLU D 134 11.87 12.51 3.47
CA GLU D 134 12.05 11.07 3.28
C GLU D 134 11.67 10.66 1.87
N ALA D 135 10.58 11.22 1.33
CA ALA D 135 10.17 10.89 -0.04
C ALA D 135 11.28 11.20 -1.03
N VAL D 136 11.94 12.35 -0.88
CA VAL D 136 13.05 12.69 -1.76
C VAL D 136 14.27 11.83 -1.44
N ASN D 137 14.42 11.43 -0.17
CA ASN D 137 15.53 10.55 0.19
C ASN D 137 15.33 9.14 -0.35
N GLN D 138 14.07 8.75 -0.58
CA GLN D 138 13.74 7.42 -1.07
C GLN D 138 13.58 7.36 -2.58
N PHE D 139 13.78 8.48 -3.28
CA PHE D 139 13.60 8.58 -4.73
C PHE D 139 12.14 8.41 -5.14
N GLN D 140 11.21 8.58 -4.18
CA GLN D 140 9.79 8.59 -4.50
C GLN D 140 9.34 9.91 -5.13
N LEU D 141 10.21 10.91 -5.17
CA LEU D 141 9.89 12.21 -5.73
C LEU D 141 11.11 12.76 -6.45
N ASP D 142 10.86 13.52 -7.51
CA ASP D 142 11.94 14.24 -8.19
C ASP D 142 12.26 15.56 -7.52
N LEU D 143 11.27 16.19 -6.90
CA LEU D 143 11.43 17.51 -6.29
C LEU D 143 10.31 17.71 -5.29
N ALA D 144 10.62 18.48 -4.24
CA ALA D 144 9.62 18.85 -3.25
C ALA D 144 9.77 20.34 -2.94
N LEU D 145 8.63 21.00 -2.75
CA LEU D 145 8.60 22.39 -2.32
C LEU D 145 8.21 22.40 -0.84
N ILE D 146 9.17 22.72 0.03
CA ILE D 146 9.00 22.59 1.47
C ILE D 146 9.05 23.97 2.10
N GLU D 147 8.19 24.19 3.09
CA GLU D 147 8.18 25.39 3.90
C GLU D 147 8.98 25.23 5.19
N GLY D 148 9.64 24.08 5.37
CA GLY D 148 10.34 23.78 6.59
C GLY D 148 11.86 23.81 6.42
N SER D 149 12.54 23.17 7.37
CA SER D 149 13.98 23.26 7.50
C SER D 149 14.67 22.07 6.83
N CYS D 150 15.84 22.34 6.27
CA CYS D 150 16.66 21.34 5.59
C CYS D 150 17.77 20.85 6.49
N HIS D 151 17.99 19.54 6.48
CA HIS D 151 18.95 18.90 7.39
C HIS D 151 19.97 18.02 6.69
N LEU D 152 19.57 17.28 5.65
CA LEU D 152 20.41 16.19 5.20
C LEU D 152 21.51 16.67 4.26
N PRO D 153 22.69 16.01 4.30
CA PRO D 153 23.78 16.42 3.39
C PRO D 153 23.69 15.84 2.00
N GLN D 154 23.18 14.61 1.85
CA GLN D 154 23.02 14.05 0.51
C GLN D 154 21.81 14.60 -0.21
N LEU D 155 21.05 15.49 0.43
CA LEU D 155 20.00 16.26 -0.21
C LEU D 155 20.51 17.66 -0.50
N GLN D 156 20.07 18.22 -1.63
CA GLN D 156 20.39 19.59 -1.99
C GLN D 156 19.20 20.48 -1.66
N CYS D 157 19.46 21.57 -0.96
CA CYS D 157 18.42 22.49 -0.52
C CYS D 157 18.67 23.84 -1.18
N ILE D 158 17.68 24.32 -1.93
CA ILE D 158 17.82 25.52 -2.75
C ILE D 158 16.76 26.52 -2.31
N HIS D 159 17.21 27.70 -1.88
CA HIS D 159 16.29 28.73 -1.42
C HIS D 159 15.38 29.18 -2.55
N TRP D 160 14.08 29.05 -2.35
CA TRP D 160 13.10 29.45 -3.35
C TRP D 160 12.65 30.90 -3.15
N ARG D 161 12.20 31.22 -1.95
CA ARG D 161 11.66 32.54 -1.65
C ARG D 161 11.33 32.58 -0.15
N ASN D 162 11.07 33.78 0.34
CA ASN D 162 10.69 33.98 1.73
C ASN D 162 9.17 33.98 1.87
N ASP D 163 8.70 33.57 3.04
CA ASP D 163 7.28 33.56 3.37
C ASP D 163 7.09 34.25 4.71
N GLU D 164 6.27 35.30 4.72
CA GLU D 164 5.95 36.03 5.93
C GLU D 164 4.65 35.48 6.51
N LEU D 165 4.71 34.97 7.74
CA LEU D 165 3.52 34.63 8.51
C LEU D 165 3.33 35.66 9.61
N ALA D 166 2.07 35.84 10.03
CA ALA D 166 1.70 36.87 10.98
C ALA D 166 0.76 36.27 12.02
N VAL D 167 0.60 37.01 13.12
CA VAL D 167 -0.38 36.66 14.15
C VAL D 167 -1.71 37.30 13.77
N CYS D 168 -2.74 36.47 13.61
CA CYS D 168 -4.05 36.92 13.16
C CYS D 168 -5.09 36.63 14.24
N CYS D 169 -6.18 37.37 14.19
CA CYS D 169 -7.22 37.27 15.21
C CYS D 169 -8.55 37.73 14.62
N ALA D 170 -9.61 37.61 15.43
CA ALA D 170 -10.91 38.13 15.05
C ALA D 170 -10.93 39.65 15.21
N PRO D 171 -11.49 40.38 14.24
CA PRO D 171 -11.40 41.85 14.30
C PRO D 171 -11.89 42.46 15.60
N ASP D 172 -12.92 41.86 16.22
CA ASP D 172 -13.44 42.36 17.49
C ASP D 172 -12.75 41.72 18.70
N HIS D 173 -11.56 41.15 18.50
CA HIS D 173 -10.76 40.69 19.62
C HIS D 173 -10.31 41.91 20.44
N PRO D 174 -10.29 41.81 21.77
CA PRO D 174 -9.89 42.99 22.57
C PRO D 174 -8.54 43.58 22.17
N LEU D 175 -7.53 42.73 21.94
CA LEU D 175 -6.21 43.25 21.59
C LEU D 175 -6.26 44.07 20.30
N ALA D 176 -7.12 43.70 19.34
CA ALA D 176 -7.15 44.42 18.08
C ALA D 176 -7.83 45.78 18.23
N LYS D 177 -8.91 45.85 19.01
CA LYS D 177 -9.62 47.10 19.23
C LYS D 177 -8.90 48.04 20.19
N LEU D 178 -7.68 47.70 20.60
CA LEU D 178 -6.89 48.54 21.47
C LEU D 178 -6.22 49.65 20.68
N GLY D 179 -5.92 50.74 21.37
CA GLY D 179 -5.21 51.85 20.76
C GLY D 179 -3.85 52.05 21.42
N ARG D 180 -2.97 51.05 21.30
CA ARG D 180 -1.70 51.09 21.99
C ARG D 180 -0.78 50.08 21.32
N PRO D 181 0.49 50.39 21.10
CA PRO D 181 1.40 49.38 20.55
C PRO D 181 1.47 48.15 21.44
N LEU D 182 1.24 46.99 20.85
CA LEU D 182 1.22 45.75 21.61
C LEU D 182 2.64 45.36 22.04
N THR D 183 2.70 44.54 23.08
CA THR D 183 3.96 44.01 23.59
C THR D 183 3.86 42.49 23.66
N ALA D 184 5.03 41.84 23.76
CA ALA D 184 5.05 40.40 23.91
C ALA D 184 4.32 39.94 25.17
N GLN D 185 4.07 40.85 26.12
CA GLN D 185 3.37 40.53 27.34
C GLN D 185 1.86 40.66 27.20
N ASP D 186 1.39 41.51 26.29
CA ASP D 186 -0.04 41.58 26.01
C ASP D 186 -0.59 40.27 25.48
N PHE D 187 0.27 39.34 25.07
CA PHE D 187 -0.14 38.03 24.58
C PHE D 187 -0.08 36.95 25.65
N LEU D 188 0.50 37.24 26.82
CA LEU D 188 0.81 36.21 27.79
C LEU D 188 -0.39 35.33 28.13
N ASN D 189 -1.60 35.90 28.08
CA ASN D 189 -2.82 35.17 28.41
C ASN D 189 -3.77 35.30 27.21
N VAL D 190 -3.64 34.39 26.25
CA VAL D 190 -4.49 34.39 25.07
C VAL D 190 -4.51 32.99 24.49
N GLU D 191 -5.59 32.66 23.78
CA GLU D 191 -5.77 31.32 23.25
C GLU D 191 -5.05 31.20 21.91
N TRP D 192 -4.16 30.22 21.81
CA TRP D 192 -3.35 30.00 20.61
C TRP D 192 -3.81 28.73 19.89
N ILE D 193 -4.10 28.86 18.60
CA ILE D 193 -4.51 27.75 17.76
C ILE D 193 -3.43 27.54 16.72
N LEU D 194 -2.65 26.49 16.89
CA LEU D 194 -1.44 26.26 16.09
C LEU D 194 -1.64 25.11 15.12
N ARG D 195 -0.66 24.95 14.23
CA ARG D 195 -0.56 23.80 13.34
C ARG D 195 0.13 22.65 14.07
N GLU D 196 0.11 21.48 13.44
CA GLU D 196 0.67 20.29 14.08
C GLU D 196 2.16 20.48 14.37
N GLU D 197 2.65 19.74 15.36
CA GLU D 197 4.08 19.69 15.62
C GLU D 197 4.82 19.20 14.37
N GLY D 198 6.13 19.40 14.38
CA GLY D 198 6.96 18.94 13.28
C GLY D 198 6.45 19.38 11.91
N SER D 199 6.15 20.67 11.77
CA SER D 199 5.73 21.23 10.51
C SER D 199 6.34 22.62 10.37
N GLY D 200 6.34 23.13 9.14
CA GLY D 200 6.94 24.42 8.86
C GLY D 200 6.33 25.55 9.64
N THR D 201 5.02 25.75 9.51
CA THR D 201 4.37 26.84 10.23
C THR D 201 4.51 26.67 11.74
N ARG D 202 4.62 25.43 12.22
CA ARG D 202 4.85 25.22 13.64
C ARG D 202 6.23 25.73 14.05
N GLU D 203 7.23 25.55 13.19
CA GLU D 203 8.59 25.95 13.54
C GLU D 203 8.64 27.40 13.98
N VAL D 204 7.85 28.27 13.34
CA VAL D 204 8.00 29.69 13.58
C VAL D 204 7.35 30.12 14.90
N PHE D 205 6.32 29.42 15.36
CA PHE D 205 5.79 29.71 16.68
C PHE D 205 6.69 29.16 17.77
N ASP D 206 7.30 27.99 17.53
CA ASP D 206 8.16 27.37 18.52
C ASP D 206 9.56 27.94 18.55
N ASN D 207 10.00 28.60 17.47
CA ASN D 207 11.33 29.19 17.42
C ASN D 207 11.34 30.71 17.55
N ALA D 208 10.22 31.38 17.30
CA ALA D 208 10.16 32.83 17.35
C ALA D 208 9.24 33.37 18.43
N ILE D 209 8.09 32.74 18.65
CA ILE D 209 7.07 33.28 19.56
C ILE D 209 7.15 32.59 20.92
N LEU D 210 7.49 31.30 20.93
CA LEU D 210 7.52 30.57 22.19
C LEU D 210 8.68 30.98 23.08
N GLN D 211 9.47 31.96 22.67
CA GLN D 211 10.53 32.52 23.50
C GLN D 211 10.06 33.68 24.37
N ASP D 212 8.84 34.18 24.18
CA ASP D 212 8.38 35.36 24.91
C ASP D 212 7.08 35.19 25.67
N VAL D 213 6.37 34.10 25.49
CA VAL D 213 5.04 33.87 26.04
C VAL D 213 5.15 32.78 27.09
N PRO D 214 4.99 33.08 28.38
CA PRO D 214 5.21 32.05 29.41
C PRO D 214 4.10 31.03 29.52
N ASP D 215 2.87 31.50 29.74
CA ASP D 215 1.76 30.57 29.77
C ASP D 215 1.55 29.89 28.41
N ALA D 216 1.47 30.69 27.36
CA ALA D 216 1.31 30.16 26.00
C ALA D 216 0.32 29.00 25.96
N ASN D 217 -0.96 29.30 26.16
CA ASN D 217 -2.00 28.27 26.17
C ASN D 217 -2.15 27.74 24.76
N ILE D 218 -1.53 26.60 24.49
CA ILE D 218 -1.69 25.97 23.18
C ILE D 218 -3.07 25.34 23.17
N ARG D 219 -4.09 26.16 22.94
CA ARG D 219 -5.48 25.74 23.09
C ARG D 219 -5.82 24.56 22.19
N LEU D 220 -5.22 24.49 21.00
CA LEU D 220 -5.53 23.41 20.06
C LEU D 220 -4.31 23.12 19.21
N THR D 221 -4.46 22.17 18.30
CA THR D 221 -3.41 21.83 17.34
C THR D 221 -4.09 21.16 16.16
N LEU D 222 -4.14 21.85 15.02
CA LEU D 222 -4.90 21.38 13.86
C LEU D 222 -4.01 21.42 12.63
N GLY D 223 -4.04 20.34 11.85
CA GLY D 223 -3.25 20.27 10.63
C GLY D 223 -4.01 20.76 9.42
N HIS D 224 -4.70 21.89 9.54
CA HIS D 224 -5.46 22.46 8.44
C HIS D 224 -5.47 23.98 8.62
N ASN D 225 -4.81 24.69 7.70
CA ASN D 225 -4.71 26.15 7.83
C ASN D 225 -6.10 26.78 7.87
N GLU D 226 -6.99 26.36 6.97
CA GLU D 226 -8.29 27.01 6.86
C GLU D 226 -9.13 26.80 8.11
N ALA D 227 -9.26 25.54 8.55
CA ALA D 227 -10.03 25.26 9.76
C ALA D 227 -9.57 26.13 10.92
N ILE D 228 -8.25 26.32 11.04
CA ILE D 228 -7.73 27.20 12.09
C ILE D 228 -8.34 28.59 11.96
N LEU D 229 -8.38 29.11 10.74
CA LEU D 229 -8.79 30.50 10.54
C LEU D 229 -10.30 30.67 10.64
N LYS D 230 -11.07 29.72 10.12
CA LYS D 230 -12.51 29.75 10.36
C LYS D 230 -12.82 29.78 11.85
N ILE D 231 -12.05 29.03 12.63
CA ILE D 231 -12.25 28.99 14.08
C ILE D 231 -11.82 30.31 14.70
N VAL D 232 -10.58 30.74 14.44
CA VAL D 232 -10.09 32.01 14.97
C VAL D 232 -11.07 33.13 14.68
N ALA D 233 -11.75 33.08 13.53
CA ALA D 233 -12.72 34.12 13.19
C ALA D 233 -14.01 33.98 13.97
N GLY D 234 -14.39 32.75 14.34
CA GLY D 234 -15.56 32.54 15.16
C GLY D 234 -15.46 33.16 16.54
N GLY D 235 -14.30 33.70 16.90
CA GLY D 235 -14.10 34.33 18.19
C GLY D 235 -13.13 33.61 19.10
N LEU D 236 -12.60 32.46 18.68
CA LEU D 236 -11.79 31.61 19.55
C LEU D 236 -10.31 31.82 19.19
N GLY D 237 -9.67 32.73 19.93
CA GLY D 237 -8.22 32.74 20.00
C GLY D 237 -7.52 33.38 18.82
N MET D 238 -6.27 32.95 18.60
CA MET D 238 -5.37 33.54 17.64
C MET D 238 -4.54 32.43 17.01
N SER D 239 -3.78 32.80 15.97
CA SER D 239 -2.88 31.84 15.32
C SER D 239 -1.73 32.59 14.66
N CYS D 240 -0.59 31.92 14.57
CA CYS D 240 0.58 32.40 13.85
C CYS D 240 0.66 31.59 12.56
N ILE D 241 0.21 32.18 11.45
CA ILE D 241 0.01 31.46 10.20
C ILE D 241 0.49 32.31 9.03
N SER D 242 0.73 31.65 7.91
CA SER D 242 1.21 32.33 6.71
C SER D 242 0.22 33.42 6.29
N ARG D 243 0.77 34.56 5.87
CA ARG D 243 -0.07 35.66 5.40
C ARG D 243 -0.74 35.33 4.07
N LEU D 244 -0.18 34.40 3.29
CA LEU D 244 -0.88 33.92 2.10
C LEU D 244 -2.26 33.40 2.45
N ALA D 245 -2.41 32.81 3.64
CA ALA D 245 -3.69 32.24 4.05
C ALA D 245 -4.62 33.27 4.67
N ILE D 246 -4.06 34.31 5.30
CA ILE D 246 -4.89 35.23 6.08
C ILE D 246 -5.60 36.23 5.18
N GLU D 247 -4.88 36.80 4.21
CA GLU D 247 -5.41 37.95 3.49
C GLU D 247 -6.75 37.66 2.80
N PRO D 248 -7.00 36.47 2.24
CA PRO D 248 -8.35 36.18 1.73
C PRO D 248 -9.45 36.49 2.73
N LEU D 249 -9.24 36.18 4.01
CA LEU D 249 -10.24 36.50 5.02
C LEU D 249 -10.30 38.01 5.29
N ILE D 250 -9.19 38.72 5.08
CA ILE D 250 -9.17 40.15 5.36
C ILE D 250 -10.07 40.90 4.37
N GLU D 251 -9.98 40.56 3.09
CA GLU D 251 -10.86 41.17 2.10
C GLU D 251 -12.33 40.95 2.45
N LYS D 252 -12.63 39.95 3.27
CA LYS D 252 -13.99 39.64 3.70
C LYS D 252 -14.29 40.14 5.10
N GLY D 253 -13.31 40.73 5.79
CA GLY D 253 -13.51 41.27 7.11
C GLY D 253 -13.56 40.25 8.23
N GLN D 254 -13.16 39.01 7.97
CA GLN D 254 -13.24 37.96 8.98
C GLN D 254 -12.04 37.93 9.91
N LEU D 255 -10.89 38.45 9.47
CA LEU D 255 -9.67 38.40 10.27
C LEU D 255 -8.95 39.73 10.18
N VAL D 256 -8.21 40.06 11.24
CA VAL D 256 -7.31 41.21 11.28
C VAL D 256 -5.94 40.73 11.71
N ILE D 257 -4.91 41.24 11.03
CA ILE D 257 -3.52 40.95 11.40
C ILE D 257 -3.09 41.98 12.43
N LEU D 258 -2.47 41.52 13.51
CA LEU D 258 -2.06 42.39 14.59
C LEU D 258 -0.64 42.91 14.36
N GLU D 259 -0.38 44.10 14.90
CA GLU D 259 0.96 44.67 14.87
C GLU D 259 1.83 43.92 15.87
N THR D 260 2.91 43.31 15.39
CA THR D 260 3.80 42.52 16.24
C THR D 260 5.23 42.63 15.71
N PRO D 261 5.86 43.80 15.84
CA PRO D 261 7.21 43.97 15.31
C PRO D 261 8.31 43.33 16.15
N PHE D 262 8.01 42.88 17.36
CA PHE D 262 9.00 42.25 18.22
C PHE D 262 9.17 40.76 17.93
N TRP D 263 8.54 40.25 16.87
CA TRP D 263 8.69 38.85 16.45
C TRP D 263 8.96 38.83 14.96
N GLU D 264 10.05 38.17 14.56
CA GLU D 264 10.49 38.15 13.16
C GLU D 264 9.42 37.54 12.27
N LEU D 265 9.25 36.22 12.36
CA LEU D 265 8.16 35.50 11.70
C LEU D 265 8.38 35.34 10.19
N THR D 266 9.61 35.55 9.72
CA THR D 266 9.99 35.20 8.36
C THR D 266 10.51 33.77 8.32
N ARG D 267 10.11 33.03 7.28
CA ARG D 267 10.59 31.67 7.10
C ARG D 267 10.82 31.42 5.61
N PRO D 268 11.87 30.67 5.26
CA PRO D 268 12.16 30.42 3.85
C PRO D 268 11.44 29.22 3.29
N LEU D 269 11.11 29.32 2.01
CA LEU D 269 10.59 28.20 1.23
C LEU D 269 11.69 27.69 0.31
N HIS D 270 11.82 26.37 0.22
CA HIS D 270 12.98 25.74 -0.42
C HIS D 270 12.55 24.75 -1.49
N LEU D 271 13.37 24.65 -2.53
CA LEU D 271 13.32 23.55 -3.48
C LEU D 271 14.25 22.45 -3.00
N LEU D 272 13.73 21.23 -2.87
CA LEU D 272 14.48 20.11 -2.31
C LEU D 272 14.63 19.01 -3.35
N VAL D 273 15.88 18.57 -3.57
CA VAL D 273 16.19 17.48 -4.49
C VAL D 273 17.28 16.61 -3.87
N HIS D 274 17.51 15.47 -4.50
CA HIS D 274 18.56 14.54 -4.10
C HIS D 274 19.81 14.83 -4.92
N ARG D 275 20.97 14.72 -4.26
CA ARG D 275 22.23 15.06 -4.93
C ARG D 275 22.70 13.99 -5.90
N GLN D 276 22.22 12.75 -5.76
CA GLN D 276 22.66 11.63 -6.59
C GLN D 276 21.62 11.23 -7.62
N LYS D 277 20.56 12.02 -7.81
CA LYS D 277 19.49 11.69 -8.74
C LYS D 277 19.69 12.50 -10.03
N TYR D 278 19.78 11.80 -11.15
CA TYR D 278 19.92 12.46 -12.44
C TYR D 278 18.76 13.40 -12.68
N GLN D 279 19.08 14.64 -13.05
CA GLN D 279 18.07 15.66 -13.33
C GLN D 279 17.90 15.76 -14.84
N GLY D 280 16.76 15.28 -15.35
CA GLY D 280 16.46 15.40 -16.74
C GLY D 280 16.06 16.82 -17.10
N PRO D 281 15.79 17.04 -18.39
CA PRO D 281 15.36 18.38 -18.83
C PRO D 281 14.04 18.81 -18.23
N GLY D 282 13.16 17.85 -17.88
CA GLY D 282 11.88 18.21 -17.30
C GLY D 282 12.01 18.82 -15.93
N LEU D 283 12.88 18.27 -15.09
CA LEU D 283 13.04 18.80 -13.74
C LEU D 283 13.69 20.17 -13.76
N LYS D 284 14.74 20.35 -14.57
CA LYS D 284 15.37 21.66 -14.67
C LYS D 284 14.39 22.71 -15.18
N ALA D 285 13.48 22.32 -16.07
CA ALA D 285 12.48 23.25 -16.56
C ALA D 285 11.57 23.71 -15.43
N PHE D 286 11.08 22.78 -14.62
CA PHE D 286 10.20 23.14 -13.51
C PHE D 286 10.96 23.93 -12.45
N MET D 287 12.19 23.52 -12.15
CA MET D 287 12.97 24.22 -11.11
C MET D 287 13.25 25.66 -11.53
N ASN D 288 13.72 25.86 -12.76
CA ASN D 288 13.95 27.23 -13.25
C ASN D 288 12.64 28.00 -13.30
N PHE D 289 11.55 27.34 -13.69
CA PHE D 289 10.25 28.00 -13.73
C PHE D 289 9.87 28.53 -12.36
N CYS D 290 10.06 27.71 -11.31
CA CYS D 290 9.79 28.16 -9.95
C CYS D 290 10.66 29.36 -9.60
N GLU D 291 11.95 29.28 -9.92
CA GLU D 291 12.89 30.32 -9.51
C GLU D 291 12.61 31.65 -10.20
N ASN D 292 12.04 31.62 -11.40
CA ASN D 292 11.80 32.83 -12.17
C ASN D 292 10.47 33.50 -11.84
N ARG D 293 9.63 32.89 -11.01
CA ARG D 293 8.40 33.53 -10.56
C ARG D 293 8.68 34.50 -9.41
NA NA E . 16.11 -1.44 -12.28
MG MG F . -0.52 -23.07 -4.58
MG MG G . 17.45 -38.81 3.72
NA NA H . 13.82 -23.86 7.60
C1 GOL I . -4.94 19.42 -19.73
O1 GOL I . -4.75 19.17 -21.09
C2 GOL I . -4.11 20.66 -19.37
O2 GOL I . -2.88 20.67 -20.00
C3 GOL I . -4.99 21.85 -19.79
O3 GOL I . -4.13 22.92 -20.03
H11 GOL I . -5.88 19.59 -19.51
H12 GOL I . -4.68 18.68 -19.17
HO1 GOL I . -4.09 18.65 -21.15
H2 GOL I . -3.91 20.69 -18.42
HO2 GOL I . -3.03 20.64 -20.84
H31 GOL I . -5.51 21.58 -20.56
H32 GOL I . -5.63 22.02 -19.09
HO3 GOL I . -3.35 22.60 -20.09
C1 GOL J . 8.71 17.14 37.23
O1 GOL J . 8.75 18.49 36.92
C2 GOL J . 9.96 16.49 36.65
O2 GOL J . 10.99 16.43 37.57
C3 GOL J . 9.49 15.10 36.21
O3 GOL J . 9.05 14.47 37.38
H11 GOL J . 8.68 16.98 38.18
H12 GOL J . 7.92 16.70 36.86
HO1 GOL J . 9.39 18.82 37.37
H2 GOL J . 10.31 17.00 35.90
HO2 GOL J . 11.39 17.18 37.55
H31 GOL J . 8.80 15.20 35.54
H32 GOL J . 10.22 14.64 35.77
HO3 GOL J . 8.78 13.70 37.15
C1 GOL K . -11.23 10.46 35.36
O1 GOL K . -9.91 10.77 35.71
C2 GOL K . -11.57 11.31 34.14
O2 GOL K . -10.58 12.24 33.88
C3 GOL K . -11.72 10.30 33.01
O3 GOL K . -10.50 9.62 32.93
H11 GOL K . -11.35 9.52 35.14
H12 GOL K . -11.86 10.65 36.07
HO1 GOL K . -9.89 11.62 35.84
H2 GOL K . -12.39 11.82 34.27
HO2 GOL K . -10.04 11.90 33.33
H31 GOL K . -12.47 9.72 33.21
H32 GOL K . -11.96 10.77 32.20
HO3 GOL K . -10.59 9.05 32.31
MG MG L . -27.45 10.46 -9.40
MG MG M . 6.96 -6.32 40.98
NA NA N . 7.86 -3.50 30.37
#